data_7TCM
#
_entry.id   7TCM
#
_cell.length_a   82.950
_cell.length_b   53.210
_cell.length_c   87.330
_cell.angle_alpha   90.000
_cell.angle_beta   102.358
_cell.angle_gamma   90.000
#
_symmetry.space_group_name_H-M   'P 1 21 1'
#
loop_
_entity.id
_entity.type
_entity.pdbx_description
1 polymer 'Aspartate-semialdehyde dehydrogenase'
2 non-polymer 'NADP NICOTINAMIDE-ADENINE-DINUCLEOTIDE PHOSPHATE'
3 water water
#
_entity_poly.entity_id   1
_entity_poly.type   'polypeptide(L)'
_entity_poly.pdbx_seq_one_letter_code
;MAHHHHHHMKVGLVGWRGMVGSVLMQRMVEENDFAHIEPFYFSTSNAGGEAPSFGGKTAPALMEATDITSLKQMDVIITC
QGGDYTSEVFPKLKATGWDGYWIDAASTLRMTDDAIIVLDPVNLNVIKDGLAKGTKTFVGGNCTVSLMLMGVGALFQNNL
VEWMTAMTYQAASGAGAQNMRELLTGMGYLYNNTKTLLDDPKSAILDIDRQVAELQRGEGFPSANFGVPLAGSLIPYIDK
QLESGQSKEEWKGQVETNKILGNSQIVPIDGHCVRIGAMRCHSQALTIKLKKDVPLDEIEDMIRNSNQWAKVVPNTREAS
MTDLTPVAVTGTLTVPVGRLRKLNMGKEYLGAFTVGDQLLWGAAEPLRRMLRILVEYKSS
;
_entity_poly.pdbx_strand_id   A,B
#
loop_
_chem_comp.id
_chem_comp.type
_chem_comp.name
_chem_comp.formula
NAP non-polymer 'NADP NICOTINAMIDE-ADENINE-DINUCLEOTIDE PHOSPHATE' 'C21 H28 N7 O17 P3'
#
# COMPACT_ATOMS: atom_id res chain seq x y z
N HIS A 7 45.25 4.98 -19.60
CA HIS A 7 44.45 6.21 -19.66
C HIS A 7 43.13 6.06 -18.93
N HIS A 8 42.98 6.76 -17.81
CA HIS A 8 41.69 6.84 -17.13
C HIS A 8 40.80 7.83 -17.86
N MET A 9 39.53 7.48 -18.02
CA MET A 9 38.57 8.41 -18.59
C MET A 9 38.38 9.61 -17.67
N LYS A 10 38.26 10.79 -18.26
CA LYS A 10 37.85 11.97 -17.52
C LYS A 10 36.34 11.94 -17.35
N VAL A 11 35.87 11.92 -16.11
CA VAL A 11 34.46 11.78 -15.79
C VAL A 11 34.01 13.03 -15.07
N GLY A 12 33.01 13.72 -15.63
CA GLY A 12 32.43 14.90 -15.01
C GLY A 12 31.20 14.51 -14.20
N LEU A 13 31.19 14.92 -12.94
CA LEU A 13 30.10 14.62 -12.01
C LEU A 13 29.26 15.87 -11.80
N VAL A 14 27.98 15.79 -12.15
CA VAL A 14 27.03 16.87 -11.98
C VAL A 14 25.91 16.37 -11.07
N GLY A 15 25.46 17.22 -10.15
CA GLY A 15 24.43 16.78 -9.24
C GLY A 15 24.91 15.83 -8.17
N TRP A 16 26.23 15.80 -7.92
CA TRP A 16 26.80 14.94 -6.89
C TRP A 16 26.33 15.32 -5.49
N ARG A 17 25.86 16.55 -5.31
CA ARG A 17 25.54 17.07 -3.98
C ARG A 17 24.12 16.72 -3.54
N GLY A 18 23.20 16.51 -4.47
CA GLY A 18 21.82 16.27 -4.14
C GLY A 18 21.61 14.90 -3.52
N MET A 19 20.33 14.55 -3.36
CA MET A 19 20.00 13.29 -2.69
C MET A 19 20.49 12.09 -3.50
N VAL A 20 20.04 11.98 -4.76
CA VAL A 20 20.48 10.87 -5.60
C VAL A 20 22.00 10.90 -5.77
N GLY A 21 22.56 12.09 -5.96
CA GLY A 21 23.99 12.21 -6.13
C GLY A 21 24.76 11.72 -4.92
N SER A 22 24.24 12.00 -3.71
CA SER A 22 24.94 11.61 -2.49
CA SER A 22 24.95 11.61 -2.50
C SER A 22 24.94 10.10 -2.30
N VAL A 23 23.86 9.43 -2.72
CA VAL A 23 23.83 7.98 -2.73
C VAL A 23 24.85 7.45 -3.73
N LEU A 24 24.94 8.09 -4.89
CA LEU A 24 25.92 7.70 -5.90
C LEU A 24 27.35 7.86 -5.35
N MET A 25 27.66 9.02 -4.78
CA MET A 25 28.99 9.22 -4.21
C MET A 25 29.31 8.17 -3.16
N GLN A 26 28.36 7.87 -2.27
CA GLN A 26 28.60 6.88 -1.23
C GLN A 26 28.92 5.53 -1.85
N ARG A 27 28.13 5.11 -2.85
CA ARG A 27 28.34 3.82 -3.49
C ARG A 27 29.66 3.80 -4.28
N MET A 28 30.02 4.92 -4.91
CA MET A 28 31.30 4.98 -5.61
C MET A 28 32.47 4.83 -4.64
N VAL A 29 32.36 5.45 -3.46
CA VAL A 29 33.40 5.25 -2.44
C VAL A 29 33.43 3.80 -1.99
N GLU A 30 32.26 3.22 -1.72
CA GLU A 30 32.17 1.84 -1.24
C GLU A 30 32.78 0.85 -2.23
N GLU A 31 32.71 1.16 -3.52
CA GLU A 31 33.19 0.27 -4.56
C GLU A 31 34.54 0.70 -5.11
N ASN A 32 35.16 1.72 -4.52
CA ASN A 32 36.44 2.24 -5.01
C ASN A 32 36.36 2.58 -6.50
N ASP A 33 35.24 3.18 -6.92
CA ASP A 33 35.08 3.53 -8.33
C ASP A 33 36.08 4.57 -8.77
N PHE A 34 36.57 5.39 -7.83
CA PHE A 34 37.49 6.47 -8.20
C PHE A 34 38.90 5.98 -8.54
N ALA A 35 39.25 4.74 -8.21
CA ALA A 35 40.54 4.20 -8.64
C ALA A 35 40.66 4.08 -10.16
N HIS A 36 39.55 4.10 -10.87
CA HIS A 36 39.52 3.77 -12.28
C HIS A 36 39.19 4.95 -13.18
N ILE A 37 39.01 6.14 -12.63
CA ILE A 37 38.61 7.33 -13.37
C ILE A 37 39.40 8.52 -12.85
N GLU A 38 39.29 9.63 -13.58
CA GLU A 38 39.81 10.92 -13.12
C GLU A 38 38.60 11.82 -12.91
N PRO A 39 38.18 12.03 -11.66
CA PRO A 39 36.90 12.73 -11.43
C PRO A 39 37.06 14.25 -11.49
N PHE A 40 36.08 14.89 -12.12
CA PHE A 40 35.98 16.34 -12.13
C PHE A 40 34.59 16.70 -11.64
N TYR A 41 34.51 17.61 -10.67
CA TYR A 41 33.24 17.96 -10.05
C TYR A 41 32.71 19.27 -10.61
N PHE A 42 31.44 19.28 -11.00
CA PHE A 42 30.78 20.45 -11.55
C PHE A 42 29.69 20.93 -10.59
N SER A 43 29.25 22.18 -10.77
CA SER A 43 28.33 22.81 -9.86
C SER A 43 27.49 23.84 -10.61
N THR A 44 26.22 23.97 -10.21
CA THR A 44 25.35 25.01 -10.75
C THR A 44 25.26 26.24 -9.86
N SER A 45 25.82 26.17 -8.64
CA SER A 45 25.67 27.22 -7.64
C SER A 45 26.98 27.66 -7.00
N ASN A 46 28.04 26.85 -7.04
CA ASN A 46 29.27 27.10 -6.30
C ASN A 46 30.50 26.91 -7.18
N ALA A 47 30.38 27.18 -8.48
CA ALA A 47 31.52 27.06 -9.38
C ALA A 47 32.68 27.91 -8.87
N GLY A 48 33.87 27.31 -8.81
CA GLY A 48 35.04 27.94 -8.23
C GLY A 48 35.32 27.52 -6.79
N GLY A 49 34.31 27.10 -6.06
CA GLY A 49 34.51 26.66 -4.70
C GLY A 49 35.28 25.34 -4.62
N GLU A 50 35.64 24.98 -3.39
CA GLU A 50 36.42 23.78 -3.16
C GLU A 50 35.60 22.54 -3.49
N ALA A 51 36.20 21.62 -4.23
CA ALA A 51 35.52 20.39 -4.65
C ALA A 51 35.70 19.29 -3.61
N PRO A 52 34.78 18.33 -3.53
CA PRO A 52 34.96 17.21 -2.60
C PRO A 52 36.16 16.36 -2.98
N SER A 53 36.51 15.44 -2.08
CA SER A 53 37.61 14.53 -2.29
C SER A 53 37.18 13.09 -2.04
N PHE A 54 36.01 12.72 -2.54
CA PHE A 54 35.48 11.38 -2.30
C PHE A 54 36.46 10.31 -2.75
N GLY A 55 36.57 9.24 -1.96
CA GLY A 55 37.42 8.12 -2.32
C GLY A 55 38.89 8.44 -2.40
N GLY A 56 39.33 9.53 -1.76
CA GLY A 56 40.75 9.84 -1.67
C GLY A 56 41.36 10.47 -2.90
N LYS A 57 40.56 10.83 -3.89
CA LYS A 57 41.07 11.53 -5.07
C LYS A 57 40.70 13.00 -4.99
N THR A 58 41.70 13.87 -5.10
CA THR A 58 41.46 15.29 -5.16
C THR A 58 41.06 15.70 -6.58
N ALA A 59 40.38 16.82 -6.68
CA ALA A 59 39.91 17.36 -7.94
C ALA A 59 40.14 18.87 -7.94
N PRO A 60 40.23 19.49 -9.11
CA PRO A 60 40.36 20.95 -9.15
C PRO A 60 39.10 21.65 -8.67
N ALA A 61 39.11 22.98 -8.61
CA ALA A 61 37.95 23.72 -8.12
C ALA A 61 36.71 23.39 -8.94
N LEU A 62 35.55 23.55 -8.30
CA LEU A 62 34.27 23.22 -8.94
C LEU A 62 34.10 23.99 -10.25
N MET A 63 33.69 23.27 -11.28
CA MET A 63 33.52 23.84 -12.61
C MET A 63 32.05 24.10 -12.89
N GLU A 64 31.79 25.11 -13.71
CA GLU A 64 30.42 25.51 -13.99
C GLU A 64 29.70 24.43 -14.77
N ALA A 65 28.63 23.88 -14.17
CA ALA A 65 27.91 22.76 -14.77
C ALA A 65 27.27 23.12 -16.10
N THR A 66 27.00 24.39 -16.35
CA THR A 66 26.38 24.82 -17.59
C THR A 66 27.40 25.25 -18.66
N ASP A 67 28.69 25.17 -18.36
CA ASP A 67 29.72 25.65 -19.29
C ASP A 67 30.05 24.54 -20.28
N ILE A 68 29.63 24.73 -21.53
CA ILE A 68 29.74 23.68 -22.54
C ILE A 68 31.21 23.36 -22.83
N THR A 69 32.06 24.40 -22.85
CA THR A 69 33.47 24.16 -23.13
C THR A 69 34.12 23.30 -22.05
N SER A 70 33.74 23.52 -20.79
CA SER A 70 34.25 22.69 -19.71
C SER A 70 33.75 21.26 -19.82
N LEU A 71 32.48 21.10 -20.21
CA LEU A 71 31.90 19.76 -20.28
C LEU A 71 32.48 18.96 -21.45
N LYS A 72 32.77 19.65 -22.57
CA LYS A 72 33.34 18.96 -23.73
C LYS A 72 34.69 18.31 -23.42
N GLN A 73 35.34 18.72 -22.32
CA GLN A 73 36.63 18.14 -21.94
C GLN A 73 36.49 16.74 -21.35
N MET A 74 35.29 16.32 -21.00
CA MET A 74 35.09 15.04 -20.33
C MET A 74 34.86 13.93 -21.34
N ASP A 75 35.32 12.72 -20.98
CA ASP A 75 34.94 11.53 -21.74
C ASP A 75 33.57 11.03 -21.35
N VAL A 76 33.20 11.21 -20.09
CA VAL A 76 31.92 10.76 -19.54
C VAL A 76 31.35 11.90 -18.70
N ILE A 77 30.07 12.19 -18.87
CA ILE A 77 29.31 13.03 -17.96
C ILE A 77 28.30 12.14 -17.26
N ILE A 78 28.32 12.13 -15.93
CA ILE A 78 27.29 11.45 -15.15
C ILE A 78 26.61 12.49 -14.27
N THR A 79 25.32 12.70 -14.50
CA THR A 79 24.57 13.79 -13.89
C THR A 79 23.37 13.30 -13.13
N CYS A 80 23.25 13.73 -11.87
CA CYS A 80 22.05 13.56 -11.07
C CYS A 80 21.39 14.89 -10.79
N GLN A 81 21.61 15.87 -11.68
CA GLN A 81 21.22 17.25 -11.42
C GLN A 81 19.73 17.50 -11.66
N GLY A 82 19.12 16.85 -12.64
CA GLY A 82 17.71 17.01 -12.89
C GLY A 82 17.39 17.22 -14.36
N GLY A 83 16.08 17.18 -14.64
CA GLY A 83 15.61 17.29 -16.01
C GLY A 83 15.76 18.69 -16.59
N ASP A 84 15.62 19.72 -15.77
CA ASP A 84 15.83 21.08 -16.26
C ASP A 84 17.28 21.27 -16.70
N TYR A 85 18.24 20.72 -15.95
CA TYR A 85 19.63 20.77 -16.36
C TYR A 85 19.84 20.07 -17.70
N THR A 86 19.45 18.80 -17.78
CA THR A 86 19.65 18.04 -19.02
C THR A 86 18.99 18.73 -20.21
N SER A 87 17.79 19.28 -20.02
CA SER A 87 17.09 19.94 -21.13
C SER A 87 17.85 21.16 -21.64
N GLU A 88 18.57 21.86 -20.78
CA GLU A 88 19.32 23.02 -21.26
C GLU A 88 20.66 22.61 -21.86
N VAL A 89 21.38 21.74 -21.17
CA VAL A 89 22.80 21.52 -21.46
C VAL A 89 23.00 20.47 -22.55
N PHE A 90 22.20 19.40 -22.53
CA PHE A 90 22.47 18.26 -23.41
C PHE A 90 22.43 18.65 -24.90
N PRO A 91 21.40 19.34 -25.41
CA PRO A 91 21.44 19.72 -26.84
C PRO A 91 22.59 20.64 -27.19
N LYS A 92 22.98 21.55 -26.29
CA LYS A 92 24.11 22.43 -26.58
C LYS A 92 25.41 21.64 -26.66
N LEU A 93 25.61 20.68 -25.75
CA LEU A 93 26.86 19.91 -25.75
C LEU A 93 26.95 18.99 -26.95
N LYS A 94 25.85 18.30 -27.28
CA LYS A 94 25.84 17.43 -28.45
C LYS A 94 26.01 18.24 -29.73
N ALA A 95 25.55 19.49 -29.73
CA ALA A 95 25.68 20.33 -30.91
C ALA A 95 27.13 20.65 -31.26
N THR A 96 28.04 20.56 -30.31
CA THR A 96 29.45 20.85 -30.56
C THR A 96 30.18 19.69 -31.23
N GLY A 97 29.50 18.56 -31.47
CA GLY A 97 30.15 17.37 -31.95
C GLY A 97 30.77 16.52 -30.87
N TRP A 98 30.47 16.81 -29.60
CA TRP A 98 31.08 16.11 -28.48
C TRP A 98 30.83 14.61 -28.58
N ASP A 99 31.90 13.84 -28.45
CA ASP A 99 31.93 12.41 -28.74
C ASP A 99 31.70 11.55 -27.51
N GLY A 100 31.56 12.13 -26.33
CA GLY A 100 31.61 11.38 -25.09
C GLY A 100 30.28 10.73 -24.72
N TYR A 101 30.27 10.12 -23.54
CA TYR A 101 29.13 9.40 -23.02
C TYR A 101 28.39 10.23 -21.98
N TRP A 102 27.06 10.18 -22.04
CA TRP A 102 26.17 10.90 -21.12
C TRP A 102 25.38 9.87 -20.32
N ILE A 103 25.52 9.89 -19.00
CA ILE A 103 24.82 8.98 -18.09
C ILE A 103 23.94 9.83 -17.18
N ASP A 104 22.62 9.58 -17.18
CA ASP A 104 21.65 10.52 -16.65
C ASP A 104 20.65 9.85 -15.71
N ALA A 105 20.46 10.46 -14.53
CA ALA A 105 19.38 10.00 -13.64
C ALA A 105 18.04 10.59 -14.01
N ALA A 106 18.01 11.71 -14.74
CA ALA A 106 16.75 12.37 -15.09
C ALA A 106 16.05 11.63 -16.22
N SER A 107 14.71 11.78 -16.25
CA SER A 107 13.91 11.08 -17.26
C SER A 107 13.92 11.76 -18.63
N THR A 108 14.49 12.96 -18.73
CA THR A 108 14.39 13.78 -19.94
C THR A 108 14.59 12.99 -21.23
N LEU A 109 15.69 12.25 -21.32
CA LEU A 109 16.11 11.59 -22.56
C LEU A 109 15.66 10.15 -22.63
N ARG A 110 14.89 9.66 -21.64
CA ARG A 110 14.59 8.24 -21.54
C ARG A 110 13.91 7.70 -22.77
N MET A 111 13.02 8.49 -23.39
CA MET A 111 12.22 7.99 -24.50
C MET A 111 12.73 8.48 -25.86
N THR A 112 13.92 9.06 -25.92
CA THR A 112 14.51 9.45 -27.18
C THR A 112 15.18 8.26 -27.86
N ASP A 113 15.18 8.28 -29.19
CA ASP A 113 15.65 7.13 -29.96
C ASP A 113 17.13 6.84 -29.70
N ASP A 114 17.94 7.86 -29.46
CA ASP A 114 19.37 7.63 -29.30
C ASP A 114 19.77 7.19 -27.90
N ALA A 115 18.85 7.07 -26.95
CA ALA A 115 19.20 6.76 -25.57
C ALA A 115 18.79 5.33 -25.22
N ILE A 116 19.61 4.69 -24.40
CA ILE A 116 19.30 3.37 -23.85
C ILE A 116 19.01 3.52 -22.36
N ILE A 117 17.92 2.91 -21.90
CA ILE A 117 17.61 2.86 -20.47
C ILE A 117 18.40 1.70 -19.87
N VAL A 118 19.19 1.97 -18.81
CA VAL A 118 20.16 1.00 -18.32
C VAL A 118 19.68 0.32 -17.05
N LEU A 119 19.77 -1.01 -17.03
CA LEU A 119 19.52 -1.82 -15.85
C LEU A 119 20.28 -3.13 -16.08
N ASP A 120 21.62 -3.07 -15.94
CA ASP A 120 22.42 -4.11 -16.57
C ASP A 120 22.17 -5.51 -16.02
N PRO A 121 21.74 -5.73 -14.76
CA PRO A 121 21.42 -7.12 -14.37
C PRO A 121 20.29 -7.71 -15.18
N VAL A 122 19.50 -6.87 -15.84
CA VAL A 122 18.39 -7.31 -16.68
C VAL A 122 18.72 -7.15 -18.17
N ASN A 123 19.37 -6.07 -18.57
CA ASN A 123 19.52 -5.83 -20.00
C ASN A 123 20.97 -5.53 -20.40
N LEU A 124 21.94 -6.17 -19.74
CA LEU A 124 23.33 -6.00 -20.18
C LEU A 124 23.45 -6.23 -21.67
N ASN A 125 22.73 -7.22 -22.22
CA ASN A 125 22.85 -7.51 -23.63
C ASN A 125 22.41 -6.32 -24.49
N VAL A 126 21.35 -5.62 -24.06
CA VAL A 126 20.91 -4.42 -24.78
C VAL A 126 21.97 -3.33 -24.69
N ILE A 127 22.58 -3.17 -23.52
CA ILE A 127 23.62 -2.15 -23.33
C ILE A 127 24.83 -2.45 -24.20
N LYS A 128 25.31 -3.71 -24.16
CA LYS A 128 26.49 -4.04 -24.96
C LYS A 128 26.18 -3.96 -26.45
N ASP A 129 24.98 -4.36 -26.88
CA ASP A 129 24.63 -4.22 -28.29
C ASP A 129 24.59 -2.75 -28.69
N GLY A 130 24.14 -1.90 -27.77
CA GLY A 130 24.10 -0.47 -28.04
C GLY A 130 25.48 0.15 -28.10
N LEU A 131 26.35 -0.20 -27.16
CA LEU A 131 27.73 0.28 -27.21
C LEU A 131 28.39 -0.05 -28.55
N ALA A 132 28.20 -1.28 -29.02
CA ALA A 132 28.81 -1.67 -30.30
C ALA A 132 28.18 -0.91 -31.47
N LYS A 133 26.93 -0.46 -31.33
CA LYS A 133 26.29 0.28 -32.41
C LYS A 133 26.64 1.76 -32.42
N GLY A 134 27.33 2.27 -31.39
CA GLY A 134 27.66 3.68 -31.29
C GLY A 134 26.80 4.50 -30.35
N THR A 135 25.93 3.87 -29.56
CA THR A 135 25.07 4.64 -28.65
C THR A 135 25.93 5.30 -27.57
N LYS A 136 25.65 6.59 -27.32
CA LYS A 136 26.43 7.38 -26.37
C LYS A 136 25.65 7.84 -25.15
N THR A 137 24.34 7.64 -25.09
CA THR A 137 23.48 8.22 -24.07
C THR A 137 22.75 7.11 -23.32
N PHE A 138 22.90 7.10 -21.99
CA PHE A 138 22.44 6.02 -21.13
C PHE A 138 21.70 6.63 -19.94
N VAL A 139 20.47 6.17 -19.69
CA VAL A 139 19.57 6.80 -18.74
C VAL A 139 19.01 5.75 -17.80
N GLY A 140 18.97 6.05 -16.50
CA GLY A 140 18.27 5.18 -15.58
C GLY A 140 16.77 5.15 -15.87
N GLY A 141 16.16 4.02 -15.55
CA GLY A 141 14.73 3.90 -15.70
C GLY A 141 13.99 4.41 -14.49
N ASN A 142 12.68 4.57 -14.65
CA ASN A 142 11.84 4.93 -13.51
C ASN A 142 12.03 3.93 -12.39
N CYS A 143 12.05 4.45 -11.16
CA CYS A 143 12.29 3.62 -9.99
C CYS A 143 11.33 2.43 -9.91
N THR A 144 10.04 2.63 -10.20
CA THR A 144 9.10 1.51 -10.07
C THR A 144 9.43 0.40 -11.07
N VAL A 145 9.73 0.76 -12.32
CA VAL A 145 10.06 -0.23 -13.34
C VAL A 145 11.36 -0.96 -13.01
N SER A 146 12.41 -0.21 -12.65
CA SER A 146 13.69 -0.82 -12.34
CA SER A 146 13.68 -0.84 -12.36
C SER A 146 13.57 -1.81 -11.18
N LEU A 147 12.87 -1.40 -10.11
CA LEU A 147 12.74 -2.27 -8.96
C LEU A 147 11.93 -3.52 -9.30
N MET A 148 10.85 -3.38 -10.06
CA MET A 148 10.07 -4.55 -10.45
C MET A 148 10.89 -5.50 -11.29
N LEU A 149 11.64 -4.96 -12.26
CA LEU A 149 12.47 -5.83 -13.11
C LEU A 149 13.63 -6.46 -12.35
N MET A 150 14.19 -5.78 -11.35
CA MET A 150 15.25 -6.43 -10.58
C MET A 150 14.70 -7.66 -9.88
N GLY A 151 13.42 -7.64 -9.52
CA GLY A 151 12.84 -8.78 -8.84
C GLY A 151 12.34 -9.87 -9.77
N VAL A 152 11.48 -9.54 -10.73
CA VAL A 152 10.81 -10.57 -11.51
C VAL A 152 11.13 -10.46 -13.00
N GLY A 153 12.20 -9.75 -13.35
CA GLY A 153 12.54 -9.54 -14.74
C GLY A 153 12.82 -10.82 -15.50
N ALA A 154 13.26 -11.87 -14.79
CA ALA A 154 13.52 -13.14 -15.44
C ALA A 154 12.28 -13.70 -16.11
N LEU A 155 11.10 -13.46 -15.52
CA LEU A 155 9.87 -13.93 -16.15
C LEU A 155 9.68 -13.27 -17.51
N PHE A 156 10.01 -11.96 -17.59
CA PHE A 156 9.86 -11.24 -18.85
C PHE A 156 10.95 -11.67 -19.85
N GLN A 157 12.18 -11.86 -19.37
CA GLN A 157 13.28 -12.27 -20.26
C GLN A 157 13.02 -13.63 -20.87
N ASN A 158 12.37 -14.53 -20.13
CA ASN A 158 11.99 -15.82 -20.68
C ASN A 158 10.66 -15.78 -21.43
N ASN A 159 10.11 -14.57 -21.64
CA ASN A 159 8.84 -14.37 -22.36
CA ASN A 159 8.85 -14.40 -22.38
C ASN A 159 7.72 -15.23 -21.79
N LEU A 160 7.62 -15.23 -20.46
CA LEU A 160 6.56 -16.00 -19.81
C LEU A 160 5.33 -15.15 -19.50
N VAL A 161 5.40 -13.83 -19.64
CA VAL A 161 4.39 -12.93 -19.11
C VAL A 161 3.45 -12.49 -20.23
N GLU A 162 2.16 -12.76 -20.06
CA GLU A 162 1.19 -12.24 -21.00
CA GLU A 162 1.18 -12.24 -20.99
C GLU A 162 0.82 -10.80 -20.68
N TRP A 163 0.66 -10.47 -19.40
CA TRP A 163 0.39 -9.12 -18.94
C TRP A 163 0.60 -9.08 -17.44
N MET A 164 0.65 -7.88 -16.89
CA MET A 164 0.86 -7.72 -15.46
C MET A 164 0.13 -6.47 -14.97
N THR A 165 -0.53 -6.56 -13.81
CA THR A 165 -0.93 -5.34 -13.11
C THR A 165 -0.06 -5.18 -11.87
N ALA A 166 0.28 -3.92 -11.58
CA ALA A 166 1.15 -3.59 -10.45
C ALA A 166 0.48 -2.54 -9.60
N MET A 167 0.18 -2.90 -8.34
CA MET A 167 -0.39 -1.96 -7.39
C MET A 167 0.74 -1.60 -6.42
N THR A 168 1.15 -0.34 -6.41
CA THR A 168 2.40 -0.02 -5.74
C THR A 168 2.18 0.68 -4.41
N TYR A 169 3.23 0.66 -3.60
CA TYR A 169 3.26 1.23 -2.26
C TYR A 169 4.54 2.05 -2.26
N GLN A 170 4.48 3.28 -2.72
CA GLN A 170 5.69 4.03 -3.02
C GLN A 170 6.10 4.97 -1.89
N ALA A 171 7.40 5.04 -1.67
CA ALA A 171 7.98 5.80 -0.58
C ALA A 171 8.09 7.28 -0.95
N ALA A 172 8.25 8.11 0.09
CA ALA A 172 8.38 9.55 -0.10
C ALA A 172 9.65 9.96 -0.84
N SER A 173 10.70 9.12 -0.83
CA SER A 173 11.96 9.49 -1.47
C SER A 173 11.79 9.74 -2.96
N GLY A 174 10.82 9.06 -3.59
CA GLY A 174 10.54 9.31 -5.00
C GLY A 174 10.14 10.74 -5.28
N ALA A 175 9.52 11.41 -4.31
CA ALA A 175 9.15 12.81 -4.48
C ALA A 175 10.26 13.77 -4.11
N GLY A 176 11.22 13.36 -3.29
CA GLY A 176 12.34 14.25 -3.00
C GLY A 176 12.72 14.29 -1.53
N ALA A 177 13.89 14.89 -1.25
CA ALA A 177 14.39 14.93 0.13
C ALA A 177 13.43 15.68 1.04
N GLN A 178 12.86 16.80 0.56
CA GLN A 178 11.96 17.57 1.40
C GLN A 178 10.66 16.84 1.69
N ASN A 179 10.24 15.94 0.78
CA ASN A 179 9.02 15.17 1.04
C ASN A 179 9.25 14.12 2.13
N MET A 180 10.43 13.51 2.15
CA MET A 180 10.79 12.62 3.24
C MET A 180 10.77 13.37 4.57
N ARG A 181 11.33 14.59 4.59
CA ARG A 181 11.36 15.35 5.84
C ARG A 181 9.94 15.72 6.28
N GLU A 182 9.09 16.04 5.31
CA GLU A 182 7.69 16.35 5.61
C GLU A 182 6.96 15.14 6.19
N LEU A 183 7.23 13.96 5.66
CA LEU A 183 6.59 12.75 6.16
C LEU A 183 6.94 12.53 7.64
N LEU A 184 8.23 12.62 7.98
CA LEU A 184 8.66 12.44 9.36
C LEU A 184 8.08 13.52 10.27
N THR A 185 8.12 14.78 9.83
CA THR A 185 7.56 15.86 10.63
C THR A 185 6.07 15.65 10.89
N GLY A 186 5.34 15.11 9.90
CA GLY A 186 3.94 14.80 10.12
C GLY A 186 3.73 13.64 11.07
N MET A 187 4.63 12.66 11.05
CA MET A 187 4.56 11.60 12.05
C MET A 187 4.68 12.19 13.44
N GLY A 188 5.63 13.11 13.64
CA GLY A 188 5.79 13.74 14.93
C GLY A 188 4.62 14.62 15.31
N TYR A 189 4.05 15.32 14.32
CA TYR A 189 2.90 16.18 14.58
C TYR A 189 1.74 15.37 15.14
N LEU A 190 1.46 14.21 14.54
CA LEU A 190 0.35 13.37 14.99
C LEU A 190 0.60 12.83 16.40
N TYR A 191 1.79 12.27 16.64
CA TYR A 191 2.05 11.68 17.95
C TYR A 191 2.12 12.75 19.03
N ASN A 192 2.93 13.79 18.81
CA ASN A 192 3.18 14.74 19.89
C ASN A 192 1.92 15.48 20.30
N ASN A 193 0.97 15.62 19.40
CA ASN A 193 -0.28 16.29 19.75
C ASN A 193 -1.35 15.32 20.25
N THR A 194 -1.06 14.02 20.30
CA THR A 194 -1.93 13.05 20.97
CA THR A 194 -1.92 13.03 20.94
C THR A 194 -1.21 12.38 22.13
N LYS A 195 -0.01 12.86 22.49
CA LYS A 195 0.79 12.22 23.53
C LYS A 195 0.06 12.19 24.87
N THR A 196 -0.68 13.24 25.21
CA THR A 196 -1.33 13.25 26.51
C THR A 196 -2.39 12.16 26.59
N LEU A 197 -3.14 11.94 25.51
CA LEU A 197 -4.07 10.82 25.46
C LEU A 197 -3.34 9.48 25.45
N LEU A 198 -2.28 9.37 24.62
CA LEU A 198 -1.60 8.08 24.49
C LEU A 198 -0.90 7.68 25.79
N ASP A 199 -0.41 8.65 26.56
CA ASP A 199 0.27 8.35 27.81
C ASP A 199 -0.67 7.82 28.89
N ASP A 200 -1.97 7.89 28.68
CA ASP A 200 -2.94 7.43 29.65
C ASP A 200 -3.50 6.09 29.19
N PRO A 201 -3.23 4.98 29.91
CA PRO A 201 -3.76 3.68 29.47
C PRO A 201 -5.27 3.65 29.38
N LYS A 202 -5.97 4.44 30.19
CA LYS A 202 -7.42 4.42 30.26
C LYS A 202 -8.09 5.34 29.24
N SER A 203 -7.33 6.07 28.43
CA SER A 203 -7.93 6.91 27.40
C SER A 203 -8.65 6.04 26.37
N ALA A 204 -9.68 6.60 25.76
CA ALA A 204 -10.50 5.86 24.81
C ALA A 204 -9.86 5.91 23.42
N ILE A 205 -9.79 4.75 22.77
CA ILE A 205 -9.22 4.72 21.43
C ILE A 205 -9.98 5.64 20.48
N LEU A 206 -11.29 5.80 20.68
CA LEU A 206 -12.05 6.66 19.78
C LEU A 206 -11.71 8.14 19.98
N ASP A 207 -11.28 8.52 21.19
CA ASP A 207 -10.81 9.89 21.42
C ASP A 207 -9.47 10.12 20.74
N ILE A 208 -8.54 9.19 20.97
CA ILE A 208 -7.25 9.21 20.27
C ILE A 208 -7.48 9.31 18.77
N ASP A 209 -8.38 8.48 18.25
CA ASP A 209 -8.63 8.46 16.81
C ASP A 209 -9.25 9.77 16.33
N ARG A 210 -10.18 10.32 17.13
CA ARG A 210 -10.82 11.58 16.77
CA ARG A 210 -10.82 11.58 16.77
C ARG A 210 -9.79 12.71 16.68
N GLN A 211 -8.85 12.76 17.63
CA GLN A 211 -7.82 13.79 17.61
C GLN A 211 -6.87 13.62 16.42
N VAL A 212 -6.53 12.38 16.07
CA VAL A 212 -5.62 12.19 14.94
C VAL A 212 -6.27 12.67 13.65
N ALA A 213 -7.56 12.40 13.48
CA ALA A 213 -8.25 12.84 12.28
C ALA A 213 -8.38 14.36 12.24
N GLU A 214 -8.69 14.97 13.39
CA GLU A 214 -8.74 16.42 13.46
C GLU A 214 -7.37 17.02 13.11
N LEU A 215 -6.29 16.44 13.63
CA LEU A 215 -4.95 16.93 13.30
C LEU A 215 -4.65 16.80 11.80
N GLN A 216 -4.97 15.65 11.21
CA GLN A 216 -4.71 15.47 9.78
C GLN A 216 -5.50 16.45 8.92
N ARG A 217 -6.69 16.83 9.37
CA ARG A 217 -7.58 17.67 8.59
C ARG A 217 -7.37 19.15 8.83
N GLY A 218 -6.57 19.52 9.81
CA GLY A 218 -6.49 20.89 10.27
C GLY A 218 -5.43 21.69 9.53
N GLU A 219 -5.52 23.00 9.73
CA GLU A 219 -4.61 23.94 9.07
C GLU A 219 -3.17 23.72 9.52
N GLY A 220 -2.96 23.24 10.74
CA GLY A 220 -1.61 23.05 11.27
C GLY A 220 -0.83 21.88 10.71
N PHE A 221 -1.46 20.98 9.97
CA PHE A 221 -0.73 19.80 9.51
C PHE A 221 0.26 20.21 8.43
N PRO A 222 1.52 19.77 8.52
CA PRO A 222 2.50 20.19 7.51
C PRO A 222 2.38 19.36 6.24
N SER A 223 1.79 19.93 5.18
CA SER A 223 1.58 19.18 3.95
C SER A 223 1.91 20.00 2.71
N ALA A 224 2.81 20.98 2.85
CA ALA A 224 3.15 21.85 1.73
C ALA A 224 3.65 21.06 0.52
N ASN A 225 4.43 20.00 0.74
CA ASN A 225 5.09 19.36 -0.39
C ASN A 225 4.21 18.33 -1.07
N PHE A 226 3.50 17.50 -0.30
CA PHE A 226 2.62 16.51 -0.89
C PHE A 226 1.25 17.10 -1.25
N GLY A 227 0.87 18.22 -0.65
CA GLY A 227 -0.41 18.86 -0.93
C GLY A 227 -1.52 18.37 -0.03
N VAL A 228 -1.40 17.13 0.45
CA VAL A 228 -2.36 16.52 1.38
C VAL A 228 -1.53 15.71 2.37
N PRO A 229 -2.11 15.24 3.47
CA PRO A 229 -1.33 14.46 4.44
C PRO A 229 -0.88 13.13 3.86
N LEU A 230 0.36 12.75 4.19
CA LEU A 230 0.85 11.40 3.94
C LEU A 230 0.96 10.58 5.22
N ALA A 231 1.52 11.16 6.29
CA ALA A 231 1.60 10.44 7.55
C ALA A 231 0.21 10.02 7.99
N GLY A 232 0.04 8.72 8.25
CA GLY A 232 -1.26 8.18 8.62
C GLY A 232 -2.24 8.05 7.48
N SER A 233 -1.78 8.04 6.24
CA SER A 233 -2.69 8.09 5.11
C SER A 233 -2.03 7.40 3.91
N LEU A 234 -2.60 7.62 2.74
CA LEU A 234 -1.96 7.25 1.48
C LEU A 234 -2.48 8.23 0.44
N ILE A 235 -1.82 8.28 -0.71
CA ILE A 235 -2.21 9.18 -1.79
C ILE A 235 -2.23 8.37 -3.09
N PRO A 236 -3.40 8.07 -3.65
CA PRO A 236 -3.49 7.18 -4.81
C PRO A 236 -3.33 7.92 -6.14
N TYR A 237 -2.33 8.80 -6.20
CA TYR A 237 -2.02 9.53 -7.43
C TYR A 237 -0.59 10.05 -7.32
N ILE A 238 0.25 9.73 -8.31
CA ILE A 238 1.65 10.17 -8.32
C ILE A 238 1.94 10.79 -9.69
N ASP A 239 2.45 12.03 -9.69
CA ASP A 239 2.88 12.73 -10.90
C ASP A 239 1.67 13.20 -11.71
N LYS A 240 1.90 13.70 -12.93
CA LYS A 240 0.89 14.45 -13.66
C LYS A 240 -0.23 13.58 -14.21
N GLN A 241 -1.39 14.19 -14.36
CA GLN A 241 -2.56 13.52 -14.91
C GLN A 241 -2.47 13.43 -16.44
N LEU A 242 -2.73 12.25 -16.99
CA LEU A 242 -2.82 12.10 -18.44
C LEU A 242 -4.28 12.06 -18.88
N GLU A 243 -4.52 12.46 -20.14
CA GLU A 243 -5.88 12.48 -20.65
C GLU A 243 -6.55 11.12 -20.56
N SER A 244 -5.76 10.03 -20.70
CA SER A 244 -6.26 8.67 -20.62
C SER A 244 -6.80 8.30 -19.25
N GLY A 245 -6.51 9.08 -18.21
CA GLY A 245 -6.83 8.74 -16.84
C GLY A 245 -5.67 8.11 -16.08
N GLN A 246 -4.69 7.56 -16.78
CA GLN A 246 -3.43 7.19 -16.15
C GLN A 246 -2.73 8.43 -15.57
N SER A 247 -2.04 8.23 -14.46
CA SER A 247 -1.00 9.18 -14.08
C SER A 247 0.26 8.89 -14.91
N LYS A 248 1.11 9.91 -15.03
CA LYS A 248 2.37 9.69 -15.73
C LYS A 248 3.21 8.59 -15.07
N GLU A 249 3.14 8.46 -13.74
CA GLU A 249 3.89 7.40 -13.06
C GLU A 249 3.43 6.01 -13.53
N GLU A 250 2.12 5.85 -13.72
CA GLU A 250 1.55 4.58 -14.17
C GLU A 250 1.88 4.31 -15.64
N TRP A 251 1.86 5.37 -16.45
CA TRP A 251 2.17 5.25 -17.87
C TRP A 251 3.59 4.74 -18.12
N LYS A 252 4.53 5.04 -17.20
CA LYS A 252 5.92 4.62 -17.38
C LYS A 252 6.07 3.10 -17.36
N GLY A 253 5.22 2.39 -16.62
CA GLY A 253 5.32 0.94 -16.49
C GLY A 253 5.48 0.19 -17.80
N GLN A 254 4.51 0.32 -18.69
CA GLN A 254 4.53 -0.46 -19.93
C GLN A 254 5.61 0.01 -20.89
N VAL A 255 5.77 1.33 -21.04
CA VAL A 255 6.66 1.81 -22.10
C VAL A 255 8.11 1.59 -21.70
N GLU A 256 8.44 1.84 -20.43
CA GLU A 256 9.83 1.70 -20.00
C GLU A 256 10.22 0.25 -19.82
N THR A 257 9.31 -0.60 -19.32
CA THR A 257 9.63 -2.02 -19.22
C THR A 257 9.96 -2.61 -20.58
N ASN A 258 9.15 -2.32 -21.58
CA ASN A 258 9.37 -2.95 -22.87
C ASN A 258 10.59 -2.36 -23.57
N LYS A 259 10.95 -1.12 -23.27
CA LYS A 259 12.17 -0.57 -23.86
C LYS A 259 13.43 -1.12 -23.20
N ILE A 260 13.43 -1.27 -21.88
CA ILE A 260 14.58 -1.88 -21.19
C ILE A 260 14.83 -3.27 -21.74
N LEU A 261 13.76 -4.05 -21.94
CA LEU A 261 13.91 -5.43 -22.38
C LEU A 261 14.22 -5.56 -23.86
N GLY A 262 13.97 -4.53 -24.66
CA GLY A 262 14.10 -4.65 -26.10
C GLY A 262 12.95 -5.36 -26.78
N ASN A 263 11.79 -5.46 -26.14
CA ASN A 263 10.63 -6.14 -26.72
C ASN A 263 10.10 -5.37 -27.92
N SER A 264 9.82 -6.07 -29.02
CA SER A 264 9.06 -5.42 -30.09
C SER A 264 7.56 -5.60 -29.91
N GLN A 265 7.14 -6.77 -29.46
CA GLN A 265 5.75 -6.98 -29.06
C GLN A 265 5.57 -6.49 -27.63
N ILE A 266 4.70 -5.51 -27.43
CA ILE A 266 4.52 -4.89 -26.12
C ILE A 266 3.80 -5.86 -25.18
N VAL A 267 4.39 -6.08 -24.01
CA VAL A 267 3.73 -6.80 -22.93
C VAL A 267 2.93 -5.78 -22.12
N PRO A 268 1.60 -5.93 -22.00
CA PRO A 268 0.82 -4.92 -21.26
C PRO A 268 1.16 -4.92 -19.79
N ILE A 269 1.37 -3.71 -19.26
CA ILE A 269 1.62 -3.46 -17.84
C ILE A 269 0.80 -2.24 -17.44
N ASP A 270 0.12 -2.34 -16.29
CA ASP A 270 -0.74 -1.25 -15.86
C ASP A 270 -1.01 -1.45 -14.38
N GLY A 271 -1.70 -0.49 -13.78
CA GLY A 271 -2.02 -0.57 -12.37
C GLY A 271 -2.14 0.82 -11.77
N HIS A 272 -2.14 0.86 -10.43
CA HIS A 272 -2.28 2.10 -9.67
C HIS A 272 -0.97 2.34 -8.91
N CYS A 273 -0.42 3.54 -9.02
CA CYS A 273 0.74 3.92 -8.25
C CYS A 273 0.29 4.76 -7.05
N VAL A 274 0.52 4.25 -5.85
CA VAL A 274 -0.03 4.83 -4.62
C VAL A 274 1.12 5.20 -3.68
N ARG A 275 1.09 6.42 -3.15
CA ARG A 275 2.13 6.87 -2.22
C ARG A 275 1.74 6.46 -0.81
N ILE A 276 2.69 5.89 -0.05
CA ILE A 276 2.45 5.56 1.36
C ILE A 276 3.54 6.19 2.21
N GLY A 277 3.34 6.14 3.52
CA GLY A 277 4.27 6.75 4.46
C GLY A 277 5.55 5.97 4.74
N ALA A 278 6.36 5.69 3.71
CA ALA A 278 7.67 5.06 3.87
C ALA A 278 8.77 6.00 3.42
N MET A 279 10.00 5.79 3.91
CA MET A 279 11.11 6.69 3.58
C MET A 279 11.64 6.51 2.16
N ARG A 280 12.17 5.32 1.84
CA ARG A 280 12.87 5.19 0.56
C ARG A 280 12.79 3.80 -0.08
N CYS A 281 11.86 2.95 0.33
CA CYS A 281 11.59 1.67 -0.32
C CYS A 281 10.23 1.67 -0.97
N HIS A 282 10.17 1.29 -2.26
CA HIS A 282 8.92 1.04 -2.97
C HIS A 282 8.59 -0.45 -2.87
N SER A 283 7.32 -0.76 -2.65
CA SER A 283 6.87 -2.14 -2.66
C SER A 283 5.80 -2.26 -3.74
N GLN A 284 5.60 -3.47 -4.26
CA GLN A 284 4.71 -3.64 -5.40
C GLN A 284 3.99 -4.98 -5.31
N ALA A 285 2.66 -4.94 -5.43
CA ALA A 285 1.83 -6.14 -5.39
C ALA A 285 1.42 -6.46 -6.83
N LEU A 286 1.86 -7.61 -7.34
CA LEU A 286 1.79 -7.91 -8.77
C LEU A 286 0.81 -9.04 -9.05
N THR A 287 -0.05 -8.85 -10.04
CA THR A 287 -0.83 -9.92 -10.65
C THR A 287 -0.19 -10.20 -12.00
N ILE A 288 0.39 -11.39 -12.15
CA ILE A 288 1.14 -11.73 -13.36
C ILE A 288 0.44 -12.87 -14.07
N LYS A 289 -0.08 -12.60 -15.26
CA LYS A 289 -0.68 -13.62 -16.10
C LYS A 289 0.42 -14.29 -16.91
N LEU A 290 0.60 -15.58 -16.71
CA LEU A 290 1.63 -16.31 -17.42
C LEU A 290 1.07 -16.87 -18.72
N LYS A 291 1.99 -17.19 -19.64
CA LYS A 291 1.58 -17.78 -20.92
C LYS A 291 1.35 -19.29 -20.83
N LYS A 292 1.77 -19.93 -19.74
CA LYS A 292 1.51 -21.35 -19.50
C LYS A 292 1.58 -21.62 -18.01
N ASP A 293 1.21 -22.84 -17.62
CA ASP A 293 1.19 -23.23 -16.20
C ASP A 293 2.62 -23.57 -15.80
N VAL A 294 3.40 -22.56 -15.43
CA VAL A 294 4.78 -22.82 -15.03
C VAL A 294 4.80 -23.25 -13.56
N PRO A 295 5.50 -24.34 -13.23
CA PRO A 295 5.55 -24.78 -11.82
C PRO A 295 6.13 -23.68 -10.94
N LEU A 296 5.57 -23.57 -9.72
CA LEU A 296 5.98 -22.51 -8.82
C LEU A 296 7.45 -22.65 -8.43
N ASP A 297 7.96 -23.86 -8.31
CA ASP A 297 9.36 -24.02 -7.94
C ASP A 297 10.28 -23.53 -9.07
N GLU A 298 9.88 -23.76 -10.33
CA GLU A 298 10.67 -23.25 -11.44
CA GLU A 298 10.64 -23.24 -11.46
C GLU A 298 10.61 -21.72 -11.50
N ILE A 299 9.47 -21.13 -11.15
CA ILE A 299 9.39 -19.66 -11.06
C ILE A 299 10.33 -19.15 -9.97
N GLU A 300 10.34 -19.80 -8.81
CA GLU A 300 11.24 -19.36 -7.75
C GLU A 300 12.71 -19.51 -8.17
N ASP A 301 13.06 -20.61 -8.84
CA ASP A 301 14.44 -20.77 -9.28
C ASP A 301 14.85 -19.69 -10.28
N MET A 302 13.94 -19.36 -11.21
CA MET A 302 14.23 -18.32 -12.19
C MET A 302 14.49 -16.97 -11.52
N ILE A 303 13.72 -16.65 -10.50
CA ILE A 303 13.93 -15.39 -9.78
C ILE A 303 15.24 -15.45 -8.99
N ARG A 304 15.42 -16.50 -8.19
CA ARG A 304 16.66 -16.65 -7.40
C ARG A 304 17.90 -16.57 -8.26
N ASN A 305 17.88 -17.23 -9.41
CA ASN A 305 19.08 -17.36 -10.22
C ASN A 305 19.26 -16.22 -11.20
N SER A 306 18.28 -15.31 -11.31
CA SER A 306 18.32 -14.29 -12.35
C SER A 306 19.46 -13.30 -12.13
N ASN A 307 19.64 -12.85 -10.89
CA ASN A 307 20.75 -11.97 -10.56
C ASN A 307 21.06 -12.10 -9.07
N GLN A 308 22.20 -11.54 -8.66
CA GLN A 308 22.66 -11.65 -7.27
C GLN A 308 21.68 -11.04 -6.27
N TRP A 309 20.99 -9.98 -6.65
CA TRP A 309 20.29 -9.13 -5.68
C TRP A 309 18.85 -9.56 -5.46
N ALA A 310 18.22 -10.17 -6.45
CA ALA A 310 16.90 -10.76 -6.28
C ALA A 310 16.95 -11.90 -5.26
N LYS A 311 15.95 -11.95 -4.38
CA LYS A 311 15.84 -12.99 -3.37
C LYS A 311 14.43 -13.52 -3.42
N VAL A 312 14.26 -14.80 -3.10
CA VAL A 312 12.93 -15.38 -2.89
C VAL A 312 12.70 -15.50 -1.39
N VAL A 313 11.68 -14.83 -0.88
CA VAL A 313 11.28 -14.92 0.51
C VAL A 313 10.25 -16.04 0.61
N PRO A 314 10.50 -17.09 1.39
CA PRO A 314 9.52 -18.18 1.53
C PRO A 314 8.16 -17.61 1.91
N ASN A 315 7.11 -18.21 1.37
CA ASN A 315 5.76 -17.69 1.56
C ASN A 315 5.21 -18.17 2.90
N THR A 316 5.83 -17.66 3.98
CA THR A 316 5.41 -17.96 5.33
C THR A 316 5.15 -16.66 6.07
N ARG A 317 4.29 -16.74 7.08
CA ARG A 317 4.00 -15.56 7.90
C ARG A 317 5.29 -14.93 8.43
N GLU A 318 6.17 -15.74 9.03
CA GLU A 318 7.34 -15.19 9.71
C GLU A 318 8.33 -14.57 8.73
N ALA A 319 8.64 -15.28 7.64
CA ALA A 319 9.61 -14.72 6.69
C ALA A 319 9.06 -13.48 6.00
N SER A 320 7.76 -13.46 5.69
CA SER A 320 7.20 -12.28 5.04
C SER A 320 7.27 -11.06 5.94
N MET A 321 6.97 -11.24 7.24
CA MET A 321 6.98 -10.12 8.17
C MET A 321 8.37 -9.57 8.40
N THR A 322 9.39 -10.42 8.38
CA THR A 322 10.73 -9.95 8.71
C THR A 322 11.56 -9.55 7.49
N ASP A 323 11.38 -10.23 6.35
CA ASP A 323 12.27 -10.03 5.21
C ASP A 323 11.64 -9.32 4.02
N LEU A 324 10.33 -9.10 4.01
CA LEU A 324 9.70 -8.55 2.81
C LEU A 324 9.06 -7.20 3.13
N THR A 325 9.82 -6.32 3.77
CA THR A 325 9.31 -5.04 4.22
C THR A 325 10.34 -3.96 3.94
N PRO A 326 9.90 -2.69 3.89
CA PRO A 326 10.87 -1.58 3.82
C PRO A 326 11.91 -1.62 4.91
N VAL A 327 11.56 -2.05 6.14
CA VAL A 327 12.56 -2.11 7.20
C VAL A 327 13.67 -3.11 6.85
N ALA A 328 13.30 -4.23 6.23
CA ALA A 328 14.29 -5.25 5.87
C ALA A 328 15.23 -4.76 4.76
N VAL A 329 14.72 -3.93 3.86
CA VAL A 329 15.39 -3.64 2.60
C VAL A 329 16.07 -2.27 2.60
N THR A 330 15.64 -1.34 3.45
CA THR A 330 16.05 0.04 3.26
C THR A 330 17.57 0.21 3.34
N GLY A 331 18.10 0.97 2.38
CA GLY A 331 19.53 1.22 2.25
C GLY A 331 20.36 0.03 1.79
N THR A 332 19.74 -1.07 1.39
CA THR A 332 20.45 -2.22 0.82
C THR A 332 20.14 -2.34 -0.65
N LEU A 333 20.95 -3.15 -1.33
CA LEU A 333 20.75 -3.50 -2.73
C LEU A 333 19.94 -4.77 -2.91
N THR A 334 19.37 -5.32 -1.83
CA THR A 334 18.63 -6.58 -1.92
C THR A 334 17.22 -6.31 -2.45
N VAL A 335 16.74 -7.20 -3.34
CA VAL A 335 15.41 -7.01 -3.93
C VAL A 335 14.60 -8.27 -3.65
N PRO A 336 13.98 -8.39 -2.48
CA PRO A 336 13.21 -9.59 -2.16
C PRO A 336 11.92 -9.67 -2.95
N VAL A 337 11.55 -10.88 -3.34
CA VAL A 337 10.27 -11.18 -3.97
C VAL A 337 9.65 -12.28 -3.14
N GLY A 338 8.40 -12.06 -2.69
CA GLY A 338 7.74 -13.01 -1.82
C GLY A 338 6.27 -13.16 -2.12
N ARG A 339 5.56 -13.86 -1.23
CA ARG A 339 4.15 -14.21 -1.41
C ARG A 339 3.89 -14.85 -2.77
N LEU A 340 4.88 -15.58 -3.30
CA LEU A 340 4.76 -16.17 -4.64
C LEU A 340 3.84 -17.38 -4.58
N ARG A 341 2.73 -17.32 -5.33
CA ARG A 341 1.65 -18.28 -5.22
C ARG A 341 0.78 -18.17 -6.47
N LYS A 342 0.30 -19.31 -6.96
CA LYS A 342 -0.74 -19.27 -7.99
C LYS A 342 -2.05 -18.82 -7.37
N LEU A 343 -2.74 -17.92 -8.05
CA LEU A 343 -3.94 -17.28 -7.50
C LEU A 343 -5.19 -18.08 -7.80
N ASN A 344 -6.28 -17.75 -7.09
CA ASN A 344 -7.50 -18.55 -7.13
C ASN A 344 -8.11 -18.63 -8.52
N MET A 345 -7.82 -17.70 -9.42
CA MET A 345 -8.51 -17.75 -10.69
C MET A 345 -7.80 -18.62 -11.71
N GLY A 346 -6.63 -19.17 -11.40
CA GLY A 346 -6.09 -20.23 -12.24
C GLY A 346 -4.59 -20.39 -12.10
N LYS A 347 -4.11 -21.56 -12.56
CA LYS A 347 -2.69 -21.88 -12.46
C LYS A 347 -1.81 -20.93 -13.25
N GLU A 348 -2.36 -20.17 -14.20
CA GLU A 348 -1.58 -19.20 -14.95
CA GLU A 348 -1.58 -19.19 -14.95
C GLU A 348 -1.55 -17.82 -14.30
N TYR A 349 -2.17 -17.65 -13.15
CA TYR A 349 -2.17 -16.36 -12.47
C TYR A 349 -1.19 -16.44 -11.32
N LEU A 350 -0.13 -15.65 -11.40
CA LEU A 350 0.94 -15.65 -10.42
C LEU A 350 0.84 -14.37 -9.60
N GLY A 351 0.69 -14.51 -8.29
CA GLY A 351 0.82 -13.37 -7.39
C GLY A 351 2.26 -13.23 -6.91
N ALA A 352 2.71 -11.97 -6.81
CA ALA A 352 4.04 -11.70 -6.25
C ALA A 352 4.00 -10.38 -5.50
N PHE A 353 4.83 -10.26 -4.45
CA PHE A 353 5.00 -9.01 -3.72
C PHE A 353 6.49 -8.73 -3.60
N THR A 354 6.92 -7.56 -4.03
CA THR A 354 8.35 -7.28 -4.02
C THR A 354 8.63 -5.92 -3.42
N VAL A 355 9.83 -5.78 -2.86
CA VAL A 355 10.25 -4.56 -2.17
C VAL A 355 11.66 -4.23 -2.65
N GLY A 356 11.92 -2.96 -2.94
CA GLY A 356 13.25 -2.55 -3.35
C GLY A 356 13.55 -1.15 -2.88
N ASP A 357 14.84 -0.86 -2.69
CA ASP A 357 15.24 0.47 -2.27
C ASP A 357 15.23 1.43 -3.47
N GLN A 358 14.52 2.56 -3.30
CA GLN A 358 14.26 3.46 -4.42
C GLN A 358 15.49 4.28 -4.79
N LEU A 359 16.37 4.57 -3.84
CA LEU A 359 17.52 5.41 -4.14
C LEU A 359 18.68 4.62 -4.73
N LEU A 360 18.70 3.30 -4.56
CA LEU A 360 19.80 2.48 -5.06
C LEU A 360 19.43 1.90 -6.42
N TRP A 361 18.83 0.70 -6.47
CA TRP A 361 18.47 0.16 -7.78
C TRP A 361 17.47 1.06 -8.49
N GLY A 362 16.70 1.84 -7.74
CA GLY A 362 15.75 2.75 -8.35
C GLY A 362 16.33 4.08 -8.78
N ALA A 363 17.62 4.35 -8.53
CA ALA A 363 18.17 5.63 -8.93
C ALA A 363 19.67 5.57 -9.18
N ALA A 364 20.48 5.53 -8.13
CA ALA A 364 21.92 5.71 -8.30
C ALA A 364 22.63 4.48 -8.82
N GLU A 365 22.17 3.27 -8.46
CA GLU A 365 23.05 2.12 -8.70
C GLU A 365 23.17 1.77 -10.19
N PRO A 366 22.11 1.82 -11.01
CA PRO A 366 22.33 1.52 -12.43
C PRO A 366 23.28 2.49 -13.09
N LEU A 367 23.42 3.70 -12.55
CA LEU A 367 24.31 4.70 -13.14
C LEU A 367 25.78 4.39 -12.83
N ARG A 368 26.10 4.05 -11.57
CA ARG A 368 27.51 3.74 -11.32
C ARG A 368 27.89 2.44 -12.01
N ARG A 369 26.95 1.49 -12.14
CA ARG A 369 27.27 0.25 -12.84
C ARG A 369 27.47 0.49 -14.32
N MET A 370 26.66 1.38 -14.93
CA MET A 370 26.93 1.78 -16.31
C MET A 370 28.31 2.43 -16.44
N LEU A 371 28.72 3.24 -15.47
CA LEU A 371 30.05 3.83 -15.53
C LEU A 371 31.15 2.75 -15.53
N ARG A 372 31.02 1.73 -14.67
CA ARG A 372 32.03 0.67 -14.67
C ARG A 372 31.99 -0.14 -15.97
N ILE A 373 30.82 -0.34 -16.56
CA ILE A 373 30.77 -1.01 -17.85
C ILE A 373 31.55 -0.22 -18.88
N LEU A 374 31.39 1.10 -18.88
CA LEU A 374 32.12 1.95 -19.81
CA LEU A 374 32.11 1.95 -19.82
C LEU A 374 33.62 1.84 -19.60
N VAL A 375 34.06 1.97 -18.34
CA VAL A 375 35.48 1.87 -18.02
C VAL A 375 36.06 0.56 -18.52
N GLU A 376 35.36 -0.56 -18.27
CA GLU A 376 35.84 -1.84 -18.75
C GLU A 376 35.84 -1.89 -20.28
N TYR A 377 34.77 -1.36 -20.88
CA TYR A 377 34.64 -1.33 -22.34
C TYR A 377 35.79 -0.54 -23.00
N LYS A 378 36.17 0.59 -22.42
CA LYS A 378 37.13 1.49 -23.06
C LYS A 378 38.57 1.23 -22.66
N SER A 379 38.82 0.36 -21.69
CA SER A 379 40.20 0.06 -21.29
C SER A 379 40.88 -0.82 -22.34
N HIS B 7 -44.46 -4.94 21.21
CA HIS B 7 -43.67 -4.33 22.28
C HIS B 7 -42.23 -4.07 21.83
N HIS B 8 -41.47 -3.36 22.67
CA HIS B 8 -40.07 -3.11 22.40
C HIS B 8 -39.25 -4.34 22.76
N MET B 9 -38.51 -4.87 21.80
CA MET B 9 -37.70 -6.07 22.02
C MET B 9 -36.62 -5.83 23.08
N LYS B 10 -36.33 -6.87 23.85
CA LYS B 10 -35.26 -6.85 24.83
C LYS B 10 -33.95 -7.25 24.16
N VAL B 11 -32.98 -6.35 24.14
CA VAL B 11 -31.74 -6.53 23.40
C VAL B 11 -30.59 -6.63 24.40
N GLY B 12 -29.89 -7.76 24.39
CA GLY B 12 -28.70 -7.91 25.20
C GLY B 12 -27.46 -7.53 24.43
N LEU B 13 -26.67 -6.59 24.96
CA LEU B 13 -25.48 -6.09 24.29
C LEU B 13 -24.25 -6.65 24.99
N VAL B 14 -23.39 -7.31 24.22
CA VAL B 14 -22.18 -7.96 24.71
C VAL B 14 -20.99 -7.36 23.95
N GLY B 15 -19.90 -7.12 24.68
CA GLY B 15 -18.76 -6.49 24.03
C GLY B 15 -18.98 -5.03 23.67
N TRP B 16 -19.95 -4.38 24.31
CA TRP B 16 -20.21 -2.97 24.06
C TRP B 16 -19.06 -2.06 24.49
N ARG B 17 -18.17 -2.57 25.34
CA ARG B 17 -17.12 -1.73 25.92
C ARG B 17 -15.86 -1.66 25.04
N GLY B 18 -15.64 -2.65 24.19
CA GLY B 18 -14.45 -2.68 23.36
C GLY B 18 -14.50 -1.64 22.26
N MET B 19 -13.54 -1.75 21.34
CA MET B 19 -13.43 -0.74 20.30
C MET B 19 -14.60 -0.81 19.33
N VAL B 20 -14.87 -1.99 18.77
CA VAL B 20 -16.01 -2.15 17.87
C VAL B 20 -17.31 -1.86 18.58
N GLY B 21 -17.46 -2.38 19.80
CA GLY B 21 -18.67 -2.10 20.57
C GLY B 21 -18.90 -0.63 20.80
N SER B 22 -17.83 0.14 21.04
CA SER B 22 -17.97 1.55 21.32
C SER B 22 -18.42 2.32 20.08
N VAL B 23 -17.89 1.96 18.91
CA VAL B 23 -18.40 2.53 17.66
C VAL B 23 -19.86 2.17 17.48
N LEU B 24 -20.21 0.92 17.77
CA LEU B 24 -21.60 0.50 17.65
C LEU B 24 -22.50 1.33 18.57
N MET B 25 -22.11 1.49 19.85
CA MET B 25 -22.92 2.28 20.77
C MET B 25 -23.08 3.71 20.30
N GLN B 26 -21.98 4.33 19.84
CA GLN B 26 -22.05 5.71 19.35
C GLN B 26 -23.01 5.82 18.18
N ARG B 27 -22.92 4.91 17.21
CA ARG B 27 -23.82 4.93 16.07
C ARG B 27 -25.26 4.70 16.49
N MET B 28 -25.49 3.84 17.48
CA MET B 28 -26.86 3.63 17.95
C MET B 28 -27.41 4.87 18.65
N VAL B 29 -26.58 5.55 19.45
CA VAL B 29 -27.01 6.81 20.05
C VAL B 29 -27.31 7.84 18.97
N GLU B 30 -26.40 7.97 18.00
CA GLU B 30 -26.58 8.92 16.89
C GLU B 30 -27.87 8.65 16.13
N GLU B 31 -28.19 7.39 15.88
CA GLU B 31 -29.39 7.03 15.14
C GLU B 31 -30.60 6.85 16.06
N ASN B 32 -30.46 7.15 17.35
CA ASN B 32 -31.53 6.95 18.33
C ASN B 32 -32.07 5.52 18.26
N ASP B 33 -31.16 4.55 18.06
CA ASP B 33 -31.58 3.15 18.00
C ASP B 33 -32.13 2.66 19.34
N PHE B 34 -31.70 3.25 20.45
CA PHE B 34 -32.19 2.80 21.76
C PHE B 34 -33.63 3.23 22.03
N ALA B 35 -34.20 4.09 21.19
CA ALA B 35 -35.55 4.56 21.46
C ALA B 35 -36.59 3.47 21.21
N HIS B 36 -36.28 2.50 20.36
CA HIS B 36 -37.24 1.47 19.97
C HIS B 36 -36.89 0.09 20.51
N ILE B 37 -35.93 -0.01 21.42
CA ILE B 37 -35.56 -1.28 22.04
C ILE B 37 -35.46 -1.08 23.55
N GLU B 38 -35.43 -2.20 24.27
CA GLU B 38 -35.16 -2.21 25.71
C GLU B 38 -33.81 -2.87 25.93
N PRO B 39 -32.76 -2.11 26.20
CA PRO B 39 -31.40 -2.67 26.21
C PRO B 39 -30.97 -3.22 27.56
N PHE B 40 -30.16 -4.28 27.50
CA PHE B 40 -29.60 -4.92 28.67
C PHE B 40 -28.12 -5.18 28.41
N TYR B 41 -27.27 -4.82 29.36
CA TYR B 41 -25.83 -4.82 29.17
C TYR B 41 -25.19 -5.98 29.92
N PHE B 42 -24.30 -6.70 29.22
CA PHE B 42 -23.64 -7.86 29.77
C PHE B 42 -22.14 -7.58 29.87
N SER B 43 -21.46 -8.36 30.72
CA SER B 43 -20.04 -8.14 30.97
C SER B 43 -19.35 -9.48 31.20
N THR B 44 -18.09 -9.55 30.75
CA THR B 44 -17.23 -10.68 31.09
C THR B 44 -16.36 -10.42 32.31
N SER B 45 -16.17 -9.16 32.66
CA SER B 45 -15.25 -8.78 33.73
C SER B 45 -15.89 -8.02 34.88
N ASN B 46 -17.01 -7.35 34.65
CA ASN B 46 -17.61 -6.43 35.62
C ASN B 46 -19.07 -6.81 35.87
N ALA B 47 -19.34 -8.12 35.91
CA ALA B 47 -20.69 -8.58 36.21
C ALA B 47 -21.12 -8.04 37.58
N GLY B 48 -22.37 -7.56 37.64
CA GLY B 48 -22.90 -6.96 38.84
C GLY B 48 -22.70 -5.47 38.95
N GLY B 49 -21.73 -4.91 38.22
CA GLY B 49 -21.49 -3.48 38.26
C GLY B 49 -22.60 -2.69 37.59
N GLU B 50 -22.55 -1.38 37.80
CA GLU B 50 -23.56 -0.51 37.19
C GLU B 50 -23.40 -0.49 35.68
N ALA B 51 -24.52 -0.61 34.98
CA ALA B 51 -24.50 -0.65 33.54
C ALA B 51 -24.46 0.76 32.95
N PRO B 52 -23.95 0.91 31.72
CA PRO B 52 -24.05 2.20 31.04
C PRO B 52 -25.50 2.58 30.77
N SER B 53 -25.71 3.75 30.19
CA SER B 53 -27.04 4.26 29.89
C SER B 53 -27.04 5.06 28.60
N PHE B 54 -26.43 4.49 27.56
CA PHE B 54 -26.38 5.14 26.25
C PHE B 54 -27.80 5.45 25.74
N GLY B 55 -27.93 6.60 25.08
CA GLY B 55 -29.23 7.02 24.60
C GLY B 55 -30.21 7.40 25.68
N GLY B 56 -29.71 7.74 26.87
CA GLY B 56 -30.58 8.11 27.97
C GLY B 56 -31.44 7.01 28.53
N LYS B 57 -31.21 5.76 28.12
CA LYS B 57 -31.99 4.62 28.58
C LYS B 57 -31.25 3.89 29.68
N THR B 58 -31.90 3.71 30.82
CA THR B 58 -31.33 2.98 31.93
C THR B 58 -31.53 1.48 31.75
N ALA B 59 -30.65 0.71 32.37
CA ALA B 59 -30.70 -0.74 32.32
C ALA B 59 -30.32 -1.28 33.69
N PRO B 60 -30.74 -2.51 34.03
CA PRO B 60 -30.38 -3.08 35.34
C PRO B 60 -28.89 -3.34 35.44
N ALA B 61 -28.43 -3.82 36.59
CA ALA B 61 -27.01 -4.08 36.79
C ALA B 61 -26.44 -4.96 35.68
N LEU B 62 -25.15 -4.79 35.41
CA LEU B 62 -24.48 -5.59 34.38
C LEU B 62 -24.66 -7.07 34.66
N MET B 63 -25.03 -7.81 33.63
CA MET B 63 -25.26 -9.24 33.73
C MET B 63 -24.03 -10.01 33.23
N GLU B 64 -23.88 -11.23 33.73
CA GLU B 64 -22.72 -12.05 33.38
C GLU B 64 -22.84 -12.55 31.95
N ALA B 65 -21.87 -12.18 31.11
CA ALA B 65 -21.95 -12.46 29.67
C ALA B 65 -21.93 -13.95 29.34
N THR B 66 -21.42 -14.80 30.22
CA THR B 66 -21.38 -16.24 29.98
C THR B 66 -22.48 -17.00 30.73
N ASP B 67 -23.49 -16.29 31.26
CA ASP B 67 -24.58 -16.93 32.00
C ASP B 67 -25.75 -17.17 31.06
N ILE B 68 -25.94 -18.43 30.68
CA ILE B 68 -26.97 -18.78 29.70
C ILE B 68 -28.37 -18.41 30.20
N THR B 69 -28.60 -18.47 31.51
CA THR B 69 -29.92 -18.16 32.05
C THR B 69 -30.27 -16.69 31.82
N SER B 70 -29.30 -15.79 31.98
CA SER B 70 -29.54 -14.37 31.70
C SER B 70 -29.75 -14.14 30.21
N LEU B 71 -28.93 -14.77 29.37
CA LEU B 71 -28.99 -14.52 27.94
C LEU B 71 -30.32 -14.96 27.33
N LYS B 72 -30.91 -16.05 27.86
CA LYS B 72 -32.13 -16.60 27.29
C LYS B 72 -33.31 -15.65 27.42
N GLN B 73 -33.26 -14.70 28.35
CA GLN B 73 -34.37 -13.76 28.53
C GLN B 73 -34.42 -12.69 27.45
N MET B 74 -33.40 -12.61 26.58
CA MET B 74 -33.31 -11.57 25.57
C MET B 74 -33.95 -12.01 24.25
N ASP B 75 -34.59 -11.07 23.58
CA ASP B 75 -35.10 -11.31 22.23
C ASP B 75 -33.98 -11.26 21.20
N VAL B 76 -32.99 -10.41 21.43
CA VAL B 76 -31.83 -10.28 20.54
C VAL B 76 -30.59 -10.26 21.41
N ILE B 77 -29.53 -10.90 20.92
CA ILE B 77 -28.18 -10.75 21.45
C ILE B 77 -27.32 -10.17 20.34
N ILE B 78 -26.73 -9.00 20.58
CA ILE B 78 -25.80 -8.41 19.63
C ILE B 78 -24.44 -8.31 20.33
N THR B 79 -23.45 -9.02 19.79
CA THR B 79 -22.18 -9.21 20.48
C THR B 79 -21.01 -8.72 19.63
N CYS B 80 -20.15 -7.92 20.25
CA CYS B 80 -18.86 -7.53 19.69
C CYS B 80 -17.73 -8.04 20.55
N GLN B 81 -17.97 -9.13 21.30
CA GLN B 81 -17.03 -9.57 22.31
C GLN B 81 -15.86 -10.35 21.72
N GLY B 82 -16.10 -11.14 20.68
CA GLY B 82 -15.00 -11.88 20.11
C GLY B 82 -15.27 -13.35 19.83
N GLY B 83 -14.40 -13.95 19.03
CA GLY B 83 -14.60 -15.34 18.63
C GLY B 83 -14.51 -16.31 19.79
N ASP B 84 -13.62 -16.05 20.73
CA ASP B 84 -13.54 -16.90 21.91
C ASP B 84 -14.84 -16.87 22.70
N TYR B 85 -15.46 -15.70 22.81
CA TYR B 85 -16.76 -15.61 23.46
C TYR B 85 -17.80 -16.42 22.70
N THR B 86 -17.95 -16.17 21.40
CA THR B 86 -18.99 -16.84 20.63
C THR B 86 -18.83 -18.35 20.66
N SER B 87 -17.61 -18.85 20.49
CA SER B 87 -17.38 -20.29 20.54
C SER B 87 -17.85 -20.90 21.84
N GLU B 88 -17.63 -20.21 22.97
CA GLU B 88 -18.01 -20.77 24.25
C GLU B 88 -19.51 -20.68 24.48
N VAL B 89 -20.10 -19.51 24.21
CA VAL B 89 -21.45 -19.23 24.69
C VAL B 89 -22.53 -19.63 23.68
N PHE B 90 -22.28 -19.44 22.38
CA PHE B 90 -23.33 -19.63 21.39
C PHE B 90 -23.87 -21.06 21.34
N PRO B 91 -23.03 -22.11 21.31
CA PRO B 91 -23.60 -23.47 21.36
C PRO B 91 -24.43 -23.74 22.62
N LYS B 92 -23.99 -23.27 23.78
CA LYS B 92 -24.74 -23.54 25.00
C LYS B 92 -26.08 -22.83 25.01
N LEU B 93 -26.14 -21.62 24.44
CA LEU B 93 -27.38 -20.85 24.45
C LEU B 93 -28.42 -21.46 23.49
N LYS B 94 -28.00 -21.85 22.29
CA LYS B 94 -28.92 -22.47 21.36
C LYS B 94 -29.46 -23.79 21.90
N ALA B 95 -28.64 -24.51 22.66
CA ALA B 95 -29.05 -25.82 23.17
C ALA B 95 -30.23 -25.72 24.13
N THR B 96 -30.41 -24.59 24.80
CA THR B 96 -31.52 -24.43 25.73
C THR B 96 -32.85 -24.19 25.03
N GLY B 97 -32.87 -24.12 23.70
CA GLY B 97 -34.09 -23.86 22.96
C GLY B 97 -34.36 -22.39 22.70
N TRP B 98 -33.46 -21.52 23.11
CA TRP B 98 -33.60 -20.07 22.94
C TRP B 98 -34.01 -19.70 21.51
N ASP B 99 -35.13 -18.99 21.40
CA ASP B 99 -35.74 -18.64 20.12
C ASP B 99 -35.27 -17.29 19.58
N GLY B 100 -34.28 -16.66 20.21
CA GLY B 100 -33.90 -15.31 19.87
C GLY B 100 -32.90 -15.21 18.72
N TYR B 101 -32.58 -13.97 18.39
CA TYR B 101 -31.67 -13.65 17.29
C TYR B 101 -30.26 -13.38 17.81
N TRP B 102 -29.25 -13.82 17.05
CA TRP B 102 -27.84 -13.66 17.39
C TRP B 102 -27.18 -12.83 16.29
N ILE B 103 -26.69 -11.66 16.65
CA ILE B 103 -26.01 -10.75 15.72
C ILE B 103 -24.58 -10.57 16.22
N ASP B 104 -23.60 -10.87 15.36
CA ASP B 104 -22.24 -11.08 15.82
C ASP B 104 -21.23 -10.38 14.91
N ALA B 105 -20.26 -9.70 15.55
CA ALA B 105 -19.14 -9.15 14.80
C ALA B 105 -18.06 -10.19 14.52
N ALA B 106 -17.98 -11.25 15.33
CA ALA B 106 -16.86 -12.16 15.18
C ALA B 106 -17.05 -13.05 13.97
N SER B 107 -15.95 -13.64 13.50
CA SER B 107 -15.97 -14.48 12.32
C SER B 107 -16.40 -15.92 12.60
N THR B 108 -16.56 -16.29 13.87
CA THR B 108 -16.78 -17.67 14.29
C THR B 108 -17.86 -18.37 13.47
N LEU B 109 -19.00 -17.71 13.26
CA LEU B 109 -20.16 -18.37 12.69
C LEU B 109 -20.36 -18.08 11.21
N ARG B 110 -19.48 -17.28 10.59
CA ARG B 110 -19.68 -16.84 9.20
C ARG B 110 -19.94 -17.98 8.23
N MET B 111 -19.20 -19.09 8.38
CA MET B 111 -19.24 -20.17 7.41
C MET B 111 -20.08 -21.35 7.89
N THR B 112 -20.92 -21.15 8.91
CA THR B 112 -21.91 -22.16 9.25
C THR B 112 -23.12 -22.02 8.35
N ASP B 113 -23.74 -23.16 8.04
CA ASP B 113 -24.86 -23.15 7.11
C ASP B 113 -26.05 -22.35 7.63
N ASP B 114 -26.24 -22.36 8.95
CA ASP B 114 -27.39 -21.71 9.57
C ASP B 114 -27.23 -20.20 9.70
N ALA B 115 -26.06 -19.65 9.36
CA ALA B 115 -25.81 -18.24 9.58
C ALA B 115 -25.78 -17.49 8.25
N ILE B 116 -26.23 -16.24 8.30
CA ILE B 116 -26.21 -15.34 7.14
C ILE B 116 -25.21 -14.23 7.42
N ILE B 117 -24.39 -13.91 6.42
CA ILE B 117 -23.46 -12.80 6.50
C ILE B 117 -24.19 -11.55 6.04
N VAL B 118 -24.25 -10.53 6.90
CA VAL B 118 -25.10 -9.36 6.67
C VAL B 118 -24.27 -8.20 6.12
N LEU B 119 -24.75 -7.61 5.04
CA LEU B 119 -24.28 -6.40 4.42
C LEU B 119 -25.48 -5.87 3.63
N ASP B 120 -26.47 -5.37 4.37
CA ASP B 120 -27.80 -5.18 3.80
C ASP B 120 -27.86 -4.21 2.62
N PRO B 121 -26.99 -3.19 2.48
CA PRO B 121 -27.02 -2.42 1.23
C PRO B 121 -26.68 -3.27 0.02
N VAL B 122 -26.10 -4.44 0.23
CA VAL B 122 -25.77 -5.36 -0.85
C VAL B 122 -26.73 -6.54 -0.90
N ASN B 123 -27.00 -7.20 0.24
CA ASN B 123 -27.73 -8.46 0.26
C ASN B 123 -28.99 -8.40 1.14
N LEU B 124 -29.64 -7.24 1.22
CA LEU B 124 -30.91 -7.16 1.93
C LEU B 124 -31.87 -8.27 1.49
N ASN B 125 -31.83 -8.65 0.21
CA ASN B 125 -32.69 -9.73 -0.26
C ASN B 125 -32.35 -11.05 0.42
N VAL B 126 -31.05 -11.36 0.54
CA VAL B 126 -30.65 -12.58 1.24
C VAL B 126 -31.16 -12.55 2.68
N ILE B 127 -31.08 -11.39 3.33
CA ILE B 127 -31.48 -11.26 4.73
C ILE B 127 -32.99 -11.44 4.88
N LYS B 128 -33.77 -10.85 3.97
CA LYS B 128 -35.23 -10.98 4.06
C LYS B 128 -35.66 -12.43 3.83
N ASP B 129 -35.05 -13.10 2.84
CA ASP B 129 -35.41 -14.50 2.60
C ASP B 129 -35.06 -15.36 3.79
N GLY B 130 -33.87 -15.14 4.38
CA GLY B 130 -33.49 -15.90 5.55
C GLY B 130 -34.41 -15.67 6.74
N LEU B 131 -34.79 -14.41 6.96
CA LEU B 131 -35.70 -14.11 8.08
C LEU B 131 -37.01 -14.84 7.93
N ALA B 132 -37.55 -14.92 6.71
CA ALA B 132 -38.80 -15.64 6.49
C ALA B 132 -38.59 -17.14 6.57
N LYS B 133 -37.42 -17.63 6.13
CA LYS B 133 -37.14 -19.07 6.23
C LYS B 133 -36.83 -19.51 7.66
N GLY B 134 -36.66 -18.58 8.59
CA GLY B 134 -36.40 -18.93 9.98
C GLY B 134 -34.97 -18.76 10.48
N THR B 135 -34.07 -18.21 9.67
CA THR B 135 -32.69 -17.99 10.13
C THR B 135 -32.67 -17.02 11.30
N LYS B 136 -31.92 -17.38 12.34
CA LYS B 136 -31.84 -16.60 13.57
C LYS B 136 -30.43 -16.09 13.87
N THR B 137 -29.44 -16.38 13.02
CA THR B 137 -28.05 -16.02 13.27
C THR B 137 -27.53 -15.18 12.12
N PHE B 138 -27.03 -13.99 12.43
CA PHE B 138 -26.57 -13.03 11.43
C PHE B 138 -25.22 -12.49 11.86
N VAL B 139 -24.25 -12.53 10.94
CA VAL B 139 -22.85 -12.30 11.25
C VAL B 139 -22.28 -11.29 10.27
N GLY B 140 -21.60 -10.28 10.78
CA GLY B 140 -20.93 -9.34 9.90
C GLY B 140 -19.80 -9.99 9.13
N GLY B 141 -19.54 -9.45 7.93
CA GLY B 141 -18.48 -9.99 7.11
C GLY B 141 -17.10 -9.43 7.45
N ASN B 142 -16.08 -10.10 6.91
CA ASN B 142 -14.71 -9.59 7.01
C ASN B 142 -14.66 -8.15 6.52
N CYS B 143 -13.86 -7.34 7.22
CA CYS B 143 -13.82 -5.91 6.91
C CYS B 143 -13.44 -5.66 5.46
N THR B 144 -12.44 -6.39 4.93
CA THR B 144 -12.02 -6.14 3.55
CA THR B 144 -12.03 -6.15 3.55
C THR B 144 -13.13 -6.50 2.56
N VAL B 145 -13.82 -7.61 2.78
CA VAL B 145 -14.90 -8.00 1.87
C VAL B 145 -16.04 -6.99 1.92
N SER B 146 -16.47 -6.60 3.13
CA SER B 146 -17.61 -5.69 3.25
CA SER B 146 -17.61 -5.69 3.24
C SER B 146 -17.30 -4.34 2.60
N LEU B 147 -16.10 -3.82 2.85
CA LEU B 147 -15.75 -2.51 2.28
C LEU B 147 -15.66 -2.58 0.77
N MET B 148 -15.09 -3.66 0.23
CA MET B 148 -15.02 -3.83 -1.21
C MET B 148 -16.41 -3.89 -1.83
N LEU B 149 -17.32 -4.67 -1.22
CA LEU B 149 -18.66 -4.83 -1.79
C LEU B 149 -19.48 -3.55 -1.68
N MET B 150 -19.29 -2.76 -0.60
CA MET B 150 -19.99 -1.48 -0.52
C MET B 150 -19.59 -0.58 -1.67
N GLY B 151 -18.35 -0.72 -2.16
CA GLY B 151 -17.86 0.07 -3.27
C GLY B 151 -18.24 -0.46 -4.64
N VAL B 152 -17.85 -1.70 -4.95
CA VAL B 152 -18.03 -2.22 -6.31
C VAL B 152 -18.94 -3.44 -6.34
N GLY B 153 -19.70 -3.67 -5.27
CA GLY B 153 -20.60 -4.81 -5.21
C GLY B 153 -21.61 -4.87 -6.33
N ALA B 154 -21.98 -3.72 -6.91
CA ALA B 154 -22.97 -3.76 -7.98
C ALA B 154 -22.45 -4.51 -9.20
N LEU B 155 -21.12 -4.51 -9.44
CA LEU B 155 -20.57 -5.27 -10.55
C LEU B 155 -20.82 -6.76 -10.35
N PHE B 156 -20.74 -7.23 -9.10
CA PHE B 156 -21.04 -8.62 -8.78
C PHE B 156 -22.53 -8.90 -8.87
N GLN B 157 -23.35 -7.98 -8.37
CA GLN B 157 -24.79 -8.20 -8.42
C GLN B 157 -25.29 -8.24 -9.86
N ASN B 158 -24.63 -7.52 -10.77
CA ASN B 158 -24.98 -7.57 -12.18
C ASN B 158 -24.33 -8.75 -12.92
N ASN B 159 -23.63 -9.62 -12.18
CA ASN B 159 -23.01 -10.82 -12.76
CA ASN B 159 -22.99 -10.82 -12.74
C ASN B 159 -21.99 -10.46 -13.84
N LEU B 160 -21.25 -9.37 -13.63
CA LEU B 160 -20.29 -8.90 -14.63
C LEU B 160 -18.86 -9.31 -14.34
N VAL B 161 -18.56 -9.80 -13.15
CA VAL B 161 -17.17 -10.04 -12.73
C VAL B 161 -16.80 -11.49 -13.05
N GLU B 162 -15.75 -11.65 -13.86
CA GLU B 162 -15.18 -12.97 -14.08
C GLU B 162 -14.23 -13.36 -12.95
N TRP B 163 -13.35 -12.45 -12.55
CA TRP B 163 -12.52 -12.64 -11.36
C TRP B 163 -12.00 -11.27 -10.92
N MET B 164 -11.38 -11.24 -9.74
CA MET B 164 -10.84 -9.98 -9.23
C MET B 164 -9.62 -10.27 -8.38
N THR B 165 -8.58 -9.45 -8.52
CA THR B 165 -7.51 -9.42 -7.52
C THR B 165 -7.56 -8.10 -6.79
N ALA B 166 -7.28 -8.16 -5.50
CA ALA B 166 -7.41 -7.03 -4.60
C ALA B 166 -6.11 -6.96 -3.82
N MET B 167 -5.35 -5.89 -4.03
CA MET B 167 -4.16 -5.62 -3.24
C MET B 167 -4.53 -4.56 -2.22
N THR B 168 -4.39 -4.89 -0.95
CA THR B 168 -5.00 -4.02 0.06
C THR B 168 -3.96 -3.21 0.81
N TYR B 169 -4.47 -2.17 1.48
CA TYR B 169 -3.70 -1.19 2.25
C TYR B 169 -4.50 -1.06 3.54
N GLN B 170 -4.24 -1.96 4.48
CA GLN B 170 -5.14 -2.13 5.62
C GLN B 170 -4.62 -1.40 6.85
N ALA B 171 -5.55 -0.79 7.59
CA ALA B 171 -5.27 0.07 8.73
C ALA B 171 -5.02 -0.73 9.99
N ALA B 172 -4.38 -0.07 10.95
CA ALA B 172 -4.08 -0.69 12.23
C ALA B 172 -5.32 -1.12 13.01
N SER B 173 -6.48 -0.48 12.76
CA SER B 173 -7.66 -0.82 13.56
C SER B 173 -8.10 -2.26 13.37
N GLY B 174 -7.84 -2.84 12.19
CA GLY B 174 -8.17 -4.24 11.97
C GLY B 174 -7.48 -5.19 12.93
N ALA B 175 -6.32 -4.80 13.46
CA ALA B 175 -5.61 -5.61 14.44
C ALA B 175 -5.98 -5.29 15.88
N GLY B 176 -6.44 -4.07 16.17
CA GLY B 176 -6.87 -3.79 17.52
C GLY B 176 -6.51 -2.39 17.99
N ALA B 177 -7.13 -1.97 19.10
CA ALA B 177 -6.88 -0.64 19.64
C ALA B 177 -5.42 -0.47 20.03
N GLN B 178 -4.85 -1.47 20.70
CA GLN B 178 -3.44 -1.37 21.09
C GLN B 178 -2.53 -1.30 19.87
N ASN B 179 -2.91 -1.94 18.77
CA ASN B 179 -2.11 -1.79 17.55
C ASN B 179 -2.14 -0.36 17.02
N MET B 180 -3.31 0.28 17.08
CA MET B 180 -3.40 1.68 16.68
C MET B 180 -2.52 2.57 17.56
N ARG B 181 -2.55 2.35 18.88
CA ARG B 181 -1.72 3.14 19.79
C ARG B 181 -0.24 2.90 19.51
N GLU B 182 0.15 1.65 19.23
CA GLU B 182 1.52 1.34 18.89
C GLU B 182 1.97 2.08 17.64
N LEU B 183 1.10 2.14 16.62
CA LEU B 183 1.46 2.84 15.38
C LEU B 183 1.79 4.30 15.66
N LEU B 184 0.92 4.98 16.42
CA LEU B 184 1.17 6.39 16.75
C LEU B 184 2.44 6.54 17.57
N THR B 185 2.68 5.64 18.52
CA THR B 185 3.86 5.71 19.37
C THR B 185 5.12 5.54 18.54
N GLY B 186 5.08 4.66 17.54
CA GLY B 186 6.23 4.48 16.65
C GLY B 186 6.49 5.68 15.77
N MET B 187 5.42 6.34 15.28
CA MET B 187 5.58 7.60 14.56
C MET B 187 6.29 8.64 15.41
N GLY B 188 5.91 8.74 16.69
CA GLY B 188 6.60 9.67 17.57
C GLY B 188 8.03 9.27 17.85
N TYR B 189 8.27 7.96 18.02
CA TYR B 189 9.62 7.47 18.26
C TYR B 189 10.55 7.82 17.09
N LEU B 190 10.08 7.64 15.85
CA LEU B 190 10.92 7.96 14.69
C LEU B 190 11.19 9.46 14.61
N TYR B 191 10.15 10.28 14.78
CA TYR B 191 10.34 11.72 14.64
C TYR B 191 11.19 12.30 15.78
N ASN B 192 10.87 11.95 17.02
CA ASN B 192 11.51 12.65 18.13
C ASN B 192 12.99 12.31 18.23
N ASN B 193 13.38 11.11 17.80
CA ASN B 193 14.78 10.73 17.85
C ASN B 193 15.54 11.10 16.59
N THR B 194 14.86 11.73 15.63
CA THR B 194 15.49 12.30 14.45
C THR B 194 15.27 13.81 14.41
N LYS B 195 14.69 14.37 15.47
CA LYS B 195 14.26 15.77 15.47
C LYS B 195 15.43 16.73 15.36
N THR B 196 16.55 16.42 16.03
CA THR B 196 17.69 17.35 15.96
C THR B 196 18.18 17.49 14.53
N LEU B 197 18.31 16.37 13.80
CA LEU B 197 18.65 16.45 12.39
C LEU B 197 17.59 17.23 11.62
N LEU B 198 16.31 16.93 11.87
CA LEU B 198 15.25 17.51 11.05
C LEU B 198 15.16 19.02 11.24
N ASP B 199 15.48 19.52 12.44
CA ASP B 199 15.42 20.96 12.70
C ASP B 199 16.52 21.74 12.01
N ASP B 200 17.61 21.07 11.59
CA ASP B 200 18.70 21.77 10.91
C ASP B 200 18.48 21.65 9.41
N PRO B 201 18.25 22.76 8.69
CA PRO B 201 18.06 22.67 7.23
C PRO B 201 19.27 22.09 6.51
N LYS B 202 20.47 22.28 7.05
CA LYS B 202 21.69 21.81 6.40
C LYS B 202 21.97 20.33 6.63
N SER B 203 21.19 19.63 7.46
CA SER B 203 21.40 18.20 7.68
CA SER B 203 21.44 18.21 7.67
C SER B 203 21.28 17.43 6.37
N ALA B 204 22.13 16.43 6.20
CA ALA B 204 22.09 15.60 5.01
C ALA B 204 20.93 14.63 5.11
N ILE B 205 20.18 14.50 4.00
CA ILE B 205 19.04 13.59 4.00
C ILE B 205 19.49 12.15 4.27
N LEU B 206 20.68 11.78 3.81
CA LEU B 206 21.14 10.42 4.07
C LEU B 206 21.43 10.20 5.55
N ASP B 207 21.83 11.24 6.27
CA ASP B 207 21.98 11.12 7.73
C ASP B 207 20.63 10.92 8.40
N ILE B 208 19.65 11.74 8.04
CA ILE B 208 18.29 11.58 8.54
C ILE B 208 17.78 10.18 8.24
N ASP B 209 18.01 9.72 7.02
CA ASP B 209 17.49 8.42 6.62
C ASP B 209 18.20 7.28 7.33
N ARG B 210 19.54 7.36 7.44
CA ARG B 210 20.27 6.35 8.20
C ARG B 210 19.75 6.27 9.64
N GLN B 211 19.46 7.42 10.26
CA GLN B 211 18.96 7.42 11.64
C GLN B 211 17.58 6.77 11.74
N VAL B 212 16.67 7.04 10.81
CA VAL B 212 15.34 6.42 10.86
C VAL B 212 15.44 4.91 10.75
N ALA B 213 16.27 4.41 9.82
CA ALA B 213 16.42 2.97 9.67
C ALA B 213 17.01 2.33 10.93
N GLU B 214 18.02 2.97 11.53
CA GLU B 214 18.56 2.41 12.76
C GLU B 214 17.50 2.32 13.85
N LEU B 215 16.67 3.37 13.95
CA LEU B 215 15.63 3.38 14.98
C LEU B 215 14.61 2.28 14.73
N GLN B 216 14.22 2.10 13.46
CA GLN B 216 13.25 1.06 13.13
C GLN B 216 13.78 -0.34 13.41
N ARG B 217 15.10 -0.54 13.25
CA ARG B 217 15.71 -1.85 13.39
C ARG B 217 16.20 -2.14 14.81
N GLY B 218 16.20 -1.15 15.69
CA GLY B 218 16.78 -1.33 17.01
C GLY B 218 15.80 -1.87 18.04
N GLU B 219 16.36 -2.26 19.19
CA GLU B 219 15.57 -2.84 20.27
C GLU B 219 14.55 -1.87 20.84
N GLY B 220 14.87 -0.58 20.80
CA GLY B 220 13.98 0.42 21.38
C GLY B 220 12.70 0.65 20.59
N PHE B 221 12.63 0.21 19.35
CA PHE B 221 11.42 0.46 18.58
C PHE B 221 10.26 -0.30 19.19
N PRO B 222 9.09 0.34 19.41
CA PRO B 222 7.97 -0.37 20.05
C PRO B 222 7.14 -1.17 19.06
N SER B 223 7.37 -2.48 19.01
CA SER B 223 6.68 -3.33 18.04
C SER B 223 6.09 -4.57 18.71
N ALA B 224 5.75 -4.47 20.00
CA ALA B 224 5.25 -5.63 20.74
C ALA B 224 4.00 -6.22 20.09
N ASN B 225 3.12 -5.37 19.58
CA ASN B 225 1.84 -5.89 19.09
C ASN B 225 1.92 -6.38 17.65
N PHE B 226 2.54 -5.62 16.74
CA PHE B 226 2.64 -6.07 15.35
C PHE B 226 3.77 -7.08 15.15
N GLY B 227 4.74 -7.14 16.05
CA GLY B 227 5.90 -8.01 15.92
C GLY B 227 7.07 -7.40 15.18
N VAL B 228 6.79 -6.50 14.24
CA VAL B 228 7.81 -5.79 13.46
C VAL B 228 7.33 -4.34 13.37
N PRO B 229 8.16 -3.39 12.91
CA PRO B 229 7.67 -2.01 12.80
C PRO B 229 6.56 -1.88 11.77
N LEU B 230 5.61 -1.00 12.06
CA LEU B 230 4.63 -0.55 11.08
C LEU B 230 4.83 0.90 10.69
N ALA B 231 5.08 1.77 11.66
CA ALA B 231 5.41 3.16 11.36
C ALA B 231 6.58 3.23 10.38
N GLY B 232 6.35 3.89 9.25
CA GLY B 232 7.36 4.01 8.20
C GLY B 232 7.63 2.73 7.43
N SER B 233 6.69 1.79 7.44
CA SER B 233 6.93 0.49 6.80
C SER B 233 5.60 -0.06 6.30
N LEU B 234 5.59 -1.36 6.00
CA LEU B 234 4.35 -2.08 5.73
C LEU B 234 4.59 -3.53 6.11
N ILE B 235 3.51 -4.30 6.23
CA ILE B 235 3.63 -5.73 6.54
C ILE B 235 2.74 -6.51 5.57
N PRO B 236 3.33 -7.25 4.62
CA PRO B 236 2.54 -7.97 3.61
C PRO B 236 2.08 -9.35 4.08
N TYR B 237 1.55 -9.42 5.30
CA TYR B 237 0.99 -10.68 5.79
C TYR B 237 0.05 -10.33 6.93
N ILE B 238 -1.17 -10.86 6.87
CA ILE B 238 -2.20 -10.60 7.87
C ILE B 238 -2.89 -11.92 8.21
N ASP B 239 -2.96 -12.23 9.50
CA ASP B 239 -3.64 -13.42 10.04
C ASP B 239 -2.85 -14.69 9.75
N LYS B 240 -3.49 -15.84 9.93
CA LYS B 240 -2.78 -17.12 9.98
C LYS B 240 -2.33 -17.58 8.60
N GLN B 241 -1.22 -18.32 8.58
CA GLN B 241 -0.70 -18.90 7.36
C GLN B 241 -1.47 -20.18 7.01
N LEU B 242 -1.98 -20.25 5.78
CA LEU B 242 -2.68 -21.45 5.32
C LEU B 242 -1.75 -22.37 4.55
N GLU B 243 -2.18 -23.63 4.38
CA GLU B 243 -1.36 -24.61 3.68
C GLU B 243 -1.07 -24.18 2.26
N SER B 244 -2.04 -23.53 1.61
CA SER B 244 -1.90 -23.06 0.23
C SER B 244 -0.86 -21.95 0.07
N GLY B 245 -0.37 -21.36 1.17
CA GLY B 245 0.42 -20.16 1.11
C GLY B 245 -0.37 -18.88 1.27
N GLN B 246 -1.66 -18.91 0.93
CA GLN B 246 -2.56 -17.80 1.25
C GLN B 246 -2.55 -17.53 2.74
N SER B 247 -2.68 -16.26 3.11
CA SER B 247 -3.01 -15.94 4.49
C SER B 247 -4.51 -16.13 4.71
N LYS B 248 -4.90 -16.28 5.99
CA LYS B 248 -6.32 -16.44 6.30
C LYS B 248 -7.11 -15.20 5.90
N GLU B 249 -6.50 -14.01 6.04
CA GLU B 249 -7.15 -12.78 5.61
C GLU B 249 -7.49 -12.83 4.11
N GLU B 250 -6.54 -13.28 3.29
CA GLU B 250 -6.72 -13.37 1.84
C GLU B 250 -7.75 -14.43 1.48
N TRP B 251 -7.74 -15.55 2.19
CA TRP B 251 -8.67 -16.65 1.93
C TRP B 251 -10.12 -16.22 2.14
N LYS B 252 -10.35 -15.24 3.02
CA LYS B 252 -11.71 -14.82 3.31
C LYS B 252 -12.38 -14.17 2.11
N GLY B 253 -11.62 -13.51 1.24
CA GLY B 253 -12.19 -12.77 0.13
C GLY B 253 -13.20 -13.55 -0.68
N GLN B 254 -12.79 -14.72 -1.17
CA GLN B 254 -13.60 -15.44 -2.13
C GLN B 254 -14.81 -16.10 -1.48
N VAL B 255 -14.60 -16.77 -0.33
CA VAL B 255 -15.68 -17.51 0.29
C VAL B 255 -16.74 -16.55 0.85
N GLU B 256 -16.30 -15.46 1.48
CA GLU B 256 -17.26 -14.54 2.08
C GLU B 256 -18.02 -13.76 1.03
N THR B 257 -17.32 -13.27 0.00
CA THR B 257 -18.00 -12.49 -1.04
C THR B 257 -19.10 -13.32 -1.69
N ASN B 258 -18.79 -14.57 -2.01
CA ASN B 258 -19.79 -15.38 -2.70
C ASN B 258 -20.91 -15.80 -1.75
N LYS B 259 -20.63 -15.96 -0.44
CA LYS B 259 -21.72 -16.25 0.48
C LYS B 259 -22.62 -15.03 0.70
N ILE B 260 -22.03 -13.83 0.82
CA ILE B 260 -22.85 -12.63 0.98
C ILE B 260 -23.79 -12.45 -0.20
N LEU B 261 -23.27 -12.65 -1.41
CA LEU B 261 -24.05 -12.40 -2.62
C LEU B 261 -25.08 -13.50 -2.86
N GLY B 262 -24.84 -14.71 -2.36
CA GLY B 262 -25.67 -15.84 -2.70
C GLY B 262 -25.26 -16.58 -3.94
N ASN B 263 -24.01 -16.41 -4.38
CA ASN B 263 -23.54 -17.08 -5.58
C ASN B 263 -23.37 -18.58 -5.34
N SER B 264 -23.97 -19.39 -6.21
CA SER B 264 -23.58 -20.79 -6.26
C SER B 264 -22.39 -21.00 -7.19
N GLN B 265 -22.31 -20.22 -8.25
CA GLN B 265 -21.12 -20.15 -9.10
C GLN B 265 -20.13 -19.20 -8.45
N ILE B 266 -19.01 -19.73 -7.97
CA ILE B 266 -18.04 -18.91 -7.24
C ILE B 266 -17.29 -18.01 -8.21
N VAL B 267 -17.25 -16.71 -7.92
CA VAL B 267 -16.41 -15.76 -8.65
C VAL B 267 -15.03 -15.75 -7.97
N PRO B 268 -13.95 -16.12 -8.65
CA PRO B 268 -12.64 -16.14 -7.99
C PRO B 268 -12.20 -14.76 -7.55
N ILE B 269 -11.71 -14.69 -6.32
CA ILE B 269 -11.20 -13.46 -5.72
C ILE B 269 -9.90 -13.82 -4.99
N ASP B 270 -8.84 -13.05 -5.23
CA ASP B 270 -7.56 -13.35 -4.57
C ASP B 270 -6.75 -12.06 -4.52
N GLY B 271 -5.58 -12.12 -3.89
CA GLY B 271 -4.73 -10.95 -3.81
C GLY B 271 -3.81 -11.01 -2.60
N HIS B 272 -3.20 -9.87 -2.30
CA HIS B 272 -2.31 -9.73 -1.17
C HIS B 272 -2.93 -8.75 -0.20
N CYS B 273 -3.05 -9.15 1.06
CA CYS B 273 -3.51 -8.26 2.12
C CYS B 273 -2.30 -7.72 2.86
N VAL B 274 -2.14 -6.40 2.85
CA VAL B 274 -0.94 -5.72 3.33
C VAL B 274 -1.34 -4.69 4.37
N ARG B 275 -0.64 -4.68 5.50
CA ARG B 275 -0.88 -3.69 6.55
C ARG B 275 -0.04 -2.45 6.29
N ILE B 276 -0.65 -1.26 6.39
CA ILE B 276 0.09 -0.01 6.27
C ILE B 276 -0.17 0.85 7.51
N GLY B 277 0.54 1.97 7.58
CA GLY B 277 0.46 2.82 8.76
C GLY B 277 -0.69 3.81 8.78
N ALA B 278 -1.92 3.32 8.67
CA ALA B 278 -3.14 4.12 8.79
C ALA B 278 -3.95 3.69 10.01
N MET B 279 -4.79 4.59 10.51
CA MET B 279 -5.52 4.34 11.76
C MET B 279 -6.69 3.38 11.56
N ARG B 280 -7.67 3.74 10.69
CA ARG B 280 -8.89 2.94 10.67
C ARG B 280 -9.60 2.89 9.32
N CYS B 281 -8.93 3.25 8.22
CA CYS B 281 -9.49 3.10 6.88
C CYS B 281 -8.69 2.09 6.09
N HIS B 282 -9.37 1.13 5.46
CA HIS B 282 -8.78 0.20 4.53
C HIS B 282 -8.95 0.73 3.10
N SER B 283 -7.90 0.60 2.30
CA SER B 283 -8.00 0.92 0.89
C SER B 283 -7.65 -0.33 0.09
N GLN B 284 -8.18 -0.42 -1.12
CA GLN B 284 -7.98 -1.61 -1.95
C GLN B 284 -7.79 -1.22 -3.39
N ALA B 285 -6.72 -1.75 -4.00
CA ALA B 285 -6.43 -1.54 -5.41
C ALA B 285 -6.87 -2.81 -6.14
N LEU B 286 -7.83 -2.66 -7.06
CA LEU B 286 -8.56 -3.78 -7.63
C LEU B 286 -8.26 -3.92 -9.12
N THR B 287 -7.93 -5.14 -9.55
CA THR B 287 -7.95 -5.55 -10.95
C THR B 287 -9.21 -6.38 -11.11
N ILE B 288 -10.17 -5.88 -11.89
CA ILE B 288 -11.46 -6.54 -12.07
C ILE B 288 -11.56 -6.97 -13.52
N LYS B 289 -11.61 -8.29 -13.75
CA LYS B 289 -11.86 -8.82 -15.09
C LYS B 289 -13.37 -8.96 -15.30
N LEU B 290 -13.89 -8.19 -16.26
CA LEU B 290 -15.31 -8.20 -16.57
C LEU B 290 -15.62 -9.29 -17.60
N LYS B 291 -16.85 -9.81 -17.53
CA LYS B 291 -17.29 -10.80 -18.52
C LYS B 291 -17.58 -10.17 -19.87
N LYS B 292 -17.68 -8.85 -19.96
CA LYS B 292 -17.88 -8.19 -21.25
C LYS B 292 -17.40 -6.75 -21.15
N ASP B 293 -17.27 -6.11 -22.30
CA ASP B 293 -16.81 -4.72 -22.38
C ASP B 293 -17.97 -3.81 -22.02
N VAL B 294 -18.00 -3.32 -20.79
CA VAL B 294 -19.01 -2.39 -20.32
C VAL B 294 -18.43 -0.97 -20.43
N PRO B 295 -19.15 -0.01 -21.01
CA PRO B 295 -18.62 1.36 -21.07
C PRO B 295 -18.33 1.88 -19.68
N LEU B 296 -17.21 2.61 -19.54
CA LEU B 296 -16.80 3.13 -18.25
C LEU B 296 -17.91 3.93 -17.55
N ASP B 297 -18.64 4.76 -18.30
CA ASP B 297 -19.64 5.59 -17.65
C ASP B 297 -20.80 4.76 -17.10
N GLU B 298 -21.06 3.59 -17.69
CA GLU B 298 -22.10 2.72 -17.16
C GLU B 298 -21.64 1.99 -15.91
N ILE B 299 -20.36 1.62 -15.85
CA ILE B 299 -19.77 1.09 -14.63
C ILE B 299 -19.91 2.10 -13.49
N GLU B 300 -19.61 3.37 -13.78
CA GLU B 300 -19.79 4.42 -12.78
C GLU B 300 -21.24 4.49 -12.30
N ASP B 301 -22.18 4.43 -13.24
CA ASP B 301 -23.58 4.51 -12.84
C ASP B 301 -23.99 3.30 -11.99
N MET B 302 -23.45 2.12 -12.32
CA MET B 302 -23.72 0.96 -11.47
C MET B 302 -23.28 1.21 -10.03
N ILE B 303 -22.11 1.82 -9.87
CA ILE B 303 -21.58 2.11 -8.53
C ILE B 303 -22.43 3.16 -7.83
N ARG B 304 -22.74 4.27 -8.53
CA ARG B 304 -23.56 5.33 -7.92
C ARG B 304 -24.93 4.82 -7.49
N ASN B 305 -25.58 4.02 -8.33
CA ASN B 305 -26.95 3.54 -8.12
C ASN B 305 -27.03 2.44 -7.06
N SER B 306 -25.90 1.85 -6.67
CA SER B 306 -25.92 0.64 -5.87
C SER B 306 -26.40 0.91 -4.45
N ASN B 307 -25.89 1.99 -3.85
CA ASN B 307 -26.31 2.40 -2.51
C ASN B 307 -25.88 3.85 -2.34
N GLN B 308 -26.41 4.48 -1.29
CA GLN B 308 -26.22 5.92 -1.13
C GLN B 308 -24.84 6.29 -0.58
N TRP B 309 -24.03 5.32 -0.14
CA TRP B 309 -22.74 5.61 0.46
C TRP B 309 -21.58 5.47 -0.53
N ALA B 310 -21.72 4.63 -1.54
CA ALA B 310 -20.73 4.58 -2.60
C ALA B 310 -20.72 5.89 -3.37
N LYS B 311 -19.52 6.34 -3.72
CA LYS B 311 -19.35 7.63 -4.37
C LYS B 311 -18.27 7.46 -5.44
N VAL B 312 -18.52 7.96 -6.64
CA VAL B 312 -17.53 7.88 -7.72
C VAL B 312 -16.69 9.13 -7.67
N VAL B 313 -15.38 8.98 -7.45
CA VAL B 313 -14.44 10.09 -7.46
C VAL B 313 -13.93 10.24 -8.90
N PRO B 314 -14.13 11.40 -9.54
CA PRO B 314 -13.62 11.58 -10.90
C PRO B 314 -12.14 11.29 -10.95
N ASN B 315 -11.69 10.72 -12.07
CA ASN B 315 -10.32 10.23 -12.16
C ASN B 315 -9.34 11.37 -12.49
N THR B 316 -9.24 12.30 -11.55
CA THR B 316 -8.33 13.43 -11.67
C THR B 316 -7.34 13.42 -10.52
N ARG B 317 -6.18 14.02 -10.75
CA ARG B 317 -5.17 14.11 -9.69
C ARG B 317 -5.71 14.82 -8.46
N GLU B 318 -6.34 15.97 -8.65
CA GLU B 318 -6.82 16.76 -7.51
C GLU B 318 -7.91 16.03 -6.73
N ALA B 319 -8.91 15.47 -7.42
CA ALA B 319 -9.98 14.79 -6.71
C ALA B 319 -9.47 13.51 -6.04
N SER B 320 -8.57 12.77 -6.71
CA SER B 320 -8.04 11.56 -6.08
C SER B 320 -7.27 11.90 -4.81
N MET B 321 -6.49 12.98 -4.84
CA MET B 321 -5.67 13.36 -3.69
C MET B 321 -6.51 13.80 -2.49
N THR B 322 -7.62 14.48 -2.74
CA THR B 322 -8.39 15.00 -1.62
C THR B 322 -9.56 14.12 -1.19
N ASP B 323 -10.17 13.35 -2.09
CA ASP B 323 -11.37 12.58 -1.76
C ASP B 323 -11.15 11.08 -1.67
N LEU B 324 -10.04 10.55 -2.17
CA LEU B 324 -9.89 9.10 -2.22
C LEU B 324 -8.78 8.64 -1.27
N THR B 325 -8.83 9.07 -0.01
CA THR B 325 -7.78 8.82 0.95
C THR B 325 -8.37 8.50 2.32
N PRO B 326 -7.61 7.85 3.19
CA PRO B 326 -8.07 7.68 4.58
C PRO B 326 -8.40 8.99 5.26
N VAL B 327 -7.65 10.07 4.99
CA VAL B 327 -7.96 11.34 5.62
C VAL B 327 -9.36 11.81 5.22
N ALA B 328 -9.74 11.58 3.97
CA ALA B 328 -11.05 11.99 3.50
C ALA B 328 -12.16 11.15 4.13
N VAL B 329 -11.90 9.87 4.38
CA VAL B 329 -12.94 8.89 4.66
C VAL B 329 -13.09 8.59 6.16
N THR B 330 -12.01 8.78 6.93
CA THR B 330 -11.97 8.25 8.28
C THR B 330 -13.12 8.78 9.14
N GLY B 331 -13.78 7.87 9.84
CA GLY B 331 -14.88 8.20 10.72
C GLY B 331 -16.18 8.50 10.03
N THR B 332 -16.26 8.33 8.70
CA THR B 332 -17.48 8.60 7.96
C THR B 332 -17.97 7.32 7.31
N LEU B 333 -19.22 7.36 6.85
CA LEU B 333 -19.85 6.25 6.17
C LEU B 333 -19.60 6.25 4.66
N THR B 334 -18.88 7.24 4.14
CA THR B 334 -18.65 7.34 2.70
C THR B 334 -17.69 6.25 2.22
N VAL B 335 -18.03 5.63 1.09
CA VAL B 335 -17.17 4.62 0.47
C VAL B 335 -16.80 5.11 -0.93
N PRO B 336 -15.77 5.94 -1.08
CA PRO B 336 -15.41 6.43 -2.40
C PRO B 336 -14.75 5.35 -3.25
N VAL B 337 -15.07 5.37 -4.54
CA VAL B 337 -14.41 4.53 -5.54
C VAL B 337 -13.88 5.47 -6.61
N GLY B 338 -12.59 5.35 -6.92
CA GLY B 338 -11.97 6.18 -7.94
C GLY B 338 -10.91 5.46 -8.75
N ARG B 339 -10.10 6.25 -9.47
CA ARG B 339 -9.12 5.73 -10.43
C ARG B 339 -9.78 4.74 -11.40
N LEU B 340 -11.08 4.90 -11.65
CA LEU B 340 -11.82 3.96 -12.48
C LEU B 340 -11.42 4.12 -13.94
N ARG B 341 -10.85 3.07 -14.52
CA ARG B 341 -10.26 3.17 -15.84
C ARG B 341 -10.15 1.77 -16.45
N LYS B 342 -10.32 1.69 -17.77
CA LYS B 342 -9.98 0.45 -18.47
C LYS B 342 -8.45 0.32 -18.56
N LEU B 343 -7.95 -0.88 -18.30
CA LEU B 343 -6.50 -1.11 -18.21
C LEU B 343 -5.90 -1.54 -19.56
N ASN B 344 -4.56 -1.46 -19.66
CA ASN B 344 -3.88 -1.65 -20.93
C ASN B 344 -4.04 -3.05 -21.50
N MET B 345 -4.39 -4.06 -20.70
CA MET B 345 -4.47 -5.39 -21.31
C MET B 345 -5.81 -5.66 -21.97
N GLY B 346 -6.78 -4.75 -21.89
CA GLY B 346 -7.97 -4.88 -22.72
C GLY B 346 -9.17 -4.19 -22.10
N LYS B 347 -10.20 -4.00 -22.93
CA LYS B 347 -11.36 -3.25 -22.46
C LYS B 347 -12.21 -4.02 -21.46
N GLU B 348 -12.01 -5.32 -21.31
CA GLU B 348 -12.68 -6.07 -20.25
C GLU B 348 -11.96 -5.98 -18.91
N TYR B 349 -10.83 -5.28 -18.83
CA TYR B 349 -10.06 -5.14 -17.59
C TYR B 349 -10.30 -3.77 -16.96
N LEU B 350 -10.90 -3.76 -15.77
CA LEU B 350 -11.23 -2.54 -15.06
C LEU B 350 -10.32 -2.41 -13.83
N GLY B 351 -9.66 -1.27 -13.71
CA GLY B 351 -8.95 -0.93 -12.49
C GLY B 351 -9.83 -0.04 -11.62
N ALA B 352 -9.67 -0.18 -10.31
CA ALA B 352 -10.45 0.62 -9.37
C ALA B 352 -9.68 0.74 -8.07
N PHE B 353 -9.91 1.84 -7.36
CA PHE B 353 -9.29 2.07 -6.06
C PHE B 353 -10.37 2.58 -5.11
N THR B 354 -10.57 1.88 -3.99
CA THR B 354 -11.62 2.24 -3.05
C THR B 354 -11.05 2.36 -1.64
N VAL B 355 -11.70 3.19 -0.83
CA VAL B 355 -11.32 3.49 0.54
C VAL B 355 -12.58 3.42 1.40
N GLY B 356 -12.50 2.79 2.56
CA GLY B 356 -13.65 2.71 3.45
C GLY B 356 -13.22 2.67 4.89
N ASP B 357 -14.09 3.15 5.77
CA ASP B 357 -13.78 3.11 7.20
C ASP B 357 -14.00 1.69 7.72
N GLN B 358 -12.94 1.13 8.31
CA GLN B 358 -12.97 -0.27 8.74
C GLN B 358 -13.83 -0.48 9.98
N LEU B 359 -13.96 0.53 10.85
CA LEU B 359 -14.80 0.35 12.03
C LEU B 359 -16.28 0.56 11.74
N LEU B 360 -16.63 1.23 10.65
CA LEU B 360 -18.04 1.47 10.40
C LEU B 360 -18.61 0.39 9.49
N TRP B 361 -18.52 0.57 8.16
CA TRP B 361 -18.99 -0.48 7.26
C TRP B 361 -18.20 -1.78 7.41
N GLY B 362 -16.95 -1.69 7.86
CA GLY B 362 -16.20 -2.91 8.07
C GLY B 362 -16.42 -3.63 9.38
N ALA B 363 -17.26 -3.11 10.28
CA ALA B 363 -17.47 -3.76 11.57
C ALA B 363 -18.85 -3.44 12.17
N ALA B 364 -19.02 -2.22 12.67
CA ALA B 364 -20.20 -1.95 13.50
C ALA B 364 -21.46 -1.69 12.68
N GLU B 365 -21.35 -0.98 11.57
CA GLU B 365 -22.54 -0.50 10.88
C GLU B 365 -23.46 -1.61 10.38
N PRO B 366 -22.97 -2.69 9.74
CA PRO B 366 -23.90 -3.75 9.33
C PRO B 366 -24.66 -4.39 10.48
N LEU B 367 -24.08 -4.39 11.68
CA LEU B 367 -24.75 -5.00 12.83
C LEU B 367 -25.90 -4.13 13.33
N ARG B 368 -25.70 -2.81 13.41
CA ARG B 368 -26.80 -1.99 13.90
C ARG B 368 -27.88 -1.85 12.86
N ARG B 369 -27.54 -1.93 11.58
CA ARG B 369 -28.56 -1.91 10.55
C ARG B 369 -29.36 -3.21 10.56
N MET B 370 -28.68 -4.33 10.82
CA MET B 370 -29.39 -5.60 10.95
C MET B 370 -30.34 -5.58 12.14
N LEU B 371 -29.94 -4.94 13.24
CA LEU B 371 -30.84 -4.82 14.39
C LEU B 371 -32.07 -3.97 14.04
N ARG B 372 -31.88 -2.88 13.28
CA ARG B 372 -33.04 -2.10 12.87
C ARG B 372 -33.93 -2.87 11.92
N ILE B 373 -33.34 -3.72 11.07
CA ILE B 373 -34.10 -4.61 10.22
C ILE B 373 -35.00 -5.52 11.07
N LEU B 374 -34.48 -6.00 12.20
CA LEU B 374 -35.27 -6.87 13.07
C LEU B 374 -36.42 -6.11 13.72
N VAL B 375 -36.15 -4.92 14.25
CA VAL B 375 -37.19 -4.14 14.91
C VAL B 375 -38.30 -3.78 13.92
N GLU B 376 -37.93 -3.47 12.67
CA GLU B 376 -38.94 -3.22 11.65
C GLU B 376 -39.67 -4.51 11.25
N TYR B 377 -38.94 -5.62 11.18
CA TYR B 377 -39.52 -6.89 10.77
C TYR B 377 -40.54 -7.37 11.79
N LYS B 378 -40.19 -7.35 13.08
CA LYS B 378 -41.11 -7.78 14.13
C LYS B 378 -41.74 -6.58 14.82
PA NAP C . 18.07 17.19 -5.29
O1A NAP C . 18.27 16.54 -3.97
O2A NAP C . 16.98 18.28 -5.24
O5B NAP C . 19.46 17.82 -5.81
C5B NAP C . 19.58 18.39 -7.13
C4B NAP C . 20.53 19.56 -7.02
O4B NAP C . 19.93 20.59 -6.19
C3B NAP C . 21.85 19.25 -6.32
O3B NAP C . 22.75 18.58 -7.19
C2B NAP C . 22.29 20.67 -5.99
O2B NAP C . 22.96 21.28 -7.11
C1B NAP C . 20.98 21.39 -5.68
N9A NAP C . 20.73 21.63 -4.26
C8A NAP C . 20.08 22.71 -3.74
N7A NAP C . 20.03 22.74 -2.43
C5A NAP C . 20.70 21.58 -2.05
C6A NAP C . 21.01 21.03 -0.79
N6A NAP C . 20.67 21.60 0.36
N1A NAP C . 21.69 19.87 -0.76
C2A NAP C . 22.04 19.31 -1.92
N3A NAP C . 21.80 19.72 -3.17
C4A NAP C . 21.13 20.89 -3.17
O3 NAP C . 17.66 16.11 -6.38
PN NAP C . 17.42 14.53 -6.34
O1N NAP C . 16.23 14.25 -5.49
O2N NAP C . 18.70 13.87 -6.02
O5D NAP C . 17.02 14.22 -7.86
C5D NAP C . 17.87 14.69 -8.94
C4D NAP C . 17.43 14.12 -10.27
O4D NAP C . 17.35 12.68 -10.19
C3D NAP C . 16.07 14.59 -10.81
O3D NAP C . 16.08 14.60 -12.23
C2D NAP C . 15.15 13.45 -10.40
O2D NAP C . 14.01 13.34 -11.25
C1D NAP C . 16.08 12.27 -10.64
N1N NAP C . 15.66 11.07 -9.84
C2N NAP C . 15.27 11.37 -8.59
C3N NAP C . 14.86 10.37 -7.72
C7N NAP C . 14.45 10.73 -6.32
O7N NAP C . 14.16 9.83 -5.52
N7N NAP C . 14.46 12.03 -5.97
C4N NAP C . 14.84 9.06 -8.20
C5N NAP C . 15.23 8.78 -9.50
C6N NAP C . 15.64 9.80 -10.31
P2B NAP C . 24.35 22.10 -6.97
O1X NAP C . 25.36 21.32 -6.18
O2X NAP C . 24.79 22.35 -8.42
O3X NAP C . 23.97 23.41 -6.27
PA NAP D . -11.62 -5.15 22.18
O1A NAP D . -11.35 -3.70 22.09
O2A NAP D . -10.37 -5.90 22.63
O5B NAP D . -12.86 -5.47 23.17
C5B NAP D . -13.35 -6.80 23.41
C4B NAP D . -13.68 -6.87 24.89
O4B NAP D . -12.46 -6.85 25.66
C3B NAP D . -14.47 -5.68 25.42
O3B NAP D . -15.85 -5.72 25.05
C2B NAP D . -14.22 -5.90 26.92
O2B NAP D . -15.10 -6.88 27.50
C1B NAP D . -12.77 -6.39 26.96
N9A NAP D . -11.80 -5.36 27.34
C8A NAP D . -10.60 -5.60 27.96
N7A NAP D . -9.88 -4.53 28.18
C5A NAP D . -10.65 -3.51 27.67
C6A NAP D . -10.46 -2.11 27.60
N6A NAP D . -9.37 -1.49 28.07
N1A NAP D . -11.43 -1.36 27.03
C2A NAP D . -12.53 -1.98 26.59
N3A NAP D . -12.83 -3.28 26.60
C4A NAP D . -11.85 -3.99 27.15
O3 NAP D . -12.11 -5.77 20.79
PN NAP D . -12.53 -5.21 19.36
O1N NAP D . -11.32 -4.72 18.66
O2N NAP D . -13.67 -4.29 19.51
O5D NAP D . -13.00 -6.54 18.60
C5D NAP D . -13.89 -7.49 19.22
C4D NAP D . -14.50 -8.46 18.23
O4D NAP D . -14.92 -7.78 17.03
C3D NAP D . -13.61 -9.63 17.76
O3D NAP D . -14.39 -10.77 17.47
C2D NAP D . -13.10 -9.13 16.42
O2D NAP D . -12.75 -10.20 15.56
C1D NAP D . -14.36 -8.43 15.91
N1N NAP D . -14.04 -7.41 14.85
C2N NAP D . -13.04 -6.57 15.18
C3N NAP D . -12.65 -5.59 14.29
C7N NAP D . -11.53 -4.64 14.68
O7N NAP D . -11.28 -3.66 13.97
N7N NAP D . -10.90 -4.86 15.85
C4N NAP D . -13.29 -5.51 13.06
C5N NAP D . -14.31 -6.39 12.75
C6N NAP D . -14.68 -7.34 13.67
P2B NAP D . -15.76 -6.70 28.97
O1X NAP D . -16.54 -5.45 29.00
O2X NAP D . -16.64 -7.93 29.13
O3X NAP D . -14.59 -6.75 29.96
#